data_7SMF
#
_entry.id   7SMF
#
_cell.length_a   63.158
_cell.length_b   63.302
_cell.length_c   83.344
_cell.angle_alpha   85.94
_cell.angle_beta   68.44
_cell.angle_gamma   73.99
#
_symmetry.space_group_name_H-M   'P 1'
#
loop_
_entity.id
_entity.type
_entity.pdbx_description
1 polymer 'Retinoblastoma-like protein 1'
2 polymer 'Histone deacetylase 1'
3 non-polymer 'SULFATE ION'
4 water water
#
loop_
_entity_poly.entity_id
_entity_poly.type
_entity_poly.pdbx_seq_one_letter_code
_entity_poly.pdbx_strand_id
1 'polypeptide(L)'
;GEFTQSVSRLQSIVAGLKNAPSDQLINIFESCVRNPVENIMKILKGIGETFCQHYTQSTDEQPGSHIDFAVNRLKLAEIL
YYKILETVMVQETRRLHGMDMSVLLEQDIFHRSLMACCLEIVLFAYSSPRTFPWIIEVLNLQPFYFYKVIEVVIRSEEGL
SRDMVKHLNSIEEQILESLAWSHDSALWEALQVSANKVPTCEEVIFPNNFETGNNRPKRTGSLALFYRKVYHLASVRLRD
LCLKLDVSNELRRKIWTCFEFTLVHCPDLMKDRHLDQLLLCAFYIMAKVTKEERTFQEIMKSYRNQPQANSHVYRSVLLK
SIKEERGDLIKFYNTIYVGRVKSFALKYDLANQDHMMDAPPLSPFPHIKQQ
;
A,C
2 'polypeptide(L)' DIYCYEEFSD B,D
#
# COMPACT_ATOMS: atom_id res chain seq x y z
N GLU A 2 -29.41 25.04 -19.13
CA GLU A 2 -30.20 24.35 -18.08
C GLU A 2 -29.35 23.35 -17.28
N PHE A 3 -28.28 22.80 -17.87
CA PHE A 3 -27.15 22.15 -17.16
C PHE A 3 -26.15 23.25 -16.81
N THR A 4 -25.17 22.88 -15.99
CA THR A 4 -24.08 23.77 -15.55
C THR A 4 -23.00 23.75 -16.63
N GLN A 5 -22.15 24.77 -16.69
CA GLN A 5 -21.16 24.90 -17.78
C GLN A 5 -20.24 23.69 -17.75
N SER A 6 -20.20 22.97 -16.62
CA SER A 6 -19.31 21.82 -16.42
C SER A 6 -19.94 20.54 -16.97
N VAL A 7 -21.15 20.23 -16.54
CA VAL A 7 -21.82 18.97 -16.95
C VAL A 7 -22.12 19.12 -18.44
N SER A 8 -22.28 20.36 -18.89
CA SER A 8 -22.61 20.64 -20.31
C SER A 8 -21.43 20.24 -21.19
N ARG A 9 -20.21 20.62 -20.79
CA ARG A 9 -19.00 20.26 -21.56
C ARG A 9 -18.88 18.74 -21.65
N LEU A 10 -18.95 18.09 -20.52
CA LEU A 10 -18.85 16.64 -20.50
C LEU A 10 -19.76 16.06 -21.57
N GLN A 11 -21.05 16.41 -21.60
CA GLN A 11 -21.95 15.60 -22.48
C GLN A 11 -21.65 15.91 -23.97
N SER A 12 -21.05 17.07 -24.26
CA SER A 12 -20.50 17.40 -25.60
C SER A 12 -19.20 16.61 -25.84
N ILE A 13 -18.44 16.35 -24.76
CA ILE A 13 -17.16 15.60 -24.87
C ILE A 13 -17.51 14.20 -25.35
N VAL A 14 -18.49 13.54 -24.70
CA VAL A 14 -18.81 12.11 -24.93
C VAL A 14 -20.03 11.91 -25.82
N ALA A 15 -20.20 12.76 -26.84
CA ALA A 15 -21.36 12.69 -27.78
C ALA A 15 -21.26 11.51 -28.74
N GLY A 16 -22.26 10.64 -28.75
CA GLY A 16 -22.27 9.54 -29.72
C GLY A 16 -20.99 8.72 -29.71
N LEU A 17 -20.26 8.73 -28.60
CA LEU A 17 -19.21 7.73 -28.28
C LEU A 17 -19.90 6.64 -27.44
N LYS A 18 -19.49 5.39 -27.55
CA LYS A 18 -20.03 4.27 -26.73
C LYS A 18 -19.23 4.25 -25.44
N ASN A 19 -19.68 3.48 -24.46
CA ASN A 19 -18.85 2.97 -23.35
C ASN A 19 -18.32 1.61 -23.80
N ALA A 20 -17.56 1.60 -24.91
CA ALA A 20 -16.83 0.41 -25.41
C ALA A 20 -15.73 0.93 -26.30
N PRO A 21 -14.72 0.10 -26.65
CA PRO A 21 -13.65 0.59 -27.51
C PRO A 21 -14.24 0.83 -28.92
N SER A 22 -13.73 1.88 -29.56
CA SER A 22 -14.09 2.16 -30.96
C SER A 22 -13.31 1.21 -31.85
N ASP A 23 -13.67 1.16 -33.14
CA ASP A 23 -13.05 0.18 -34.06
C ASP A 23 -11.60 0.57 -34.34
N GLN A 24 -11.18 1.77 -33.94
CA GLN A 24 -9.78 2.25 -34.12
C GLN A 24 -8.96 1.95 -32.85
N LEU A 25 -9.57 1.94 -31.66
CA LEU A 25 -8.85 1.51 -30.44
C LEU A 25 -8.71 0.01 -30.50
N ILE A 26 -9.74 -0.69 -30.99
CA ILE A 26 -9.76 -2.17 -31.14
C ILE A 26 -8.67 -2.65 -32.11
N ASN A 27 -8.32 -1.84 -33.09
CA ASN A 27 -7.36 -2.27 -34.12
C ASN A 27 -5.94 -2.06 -33.63
N ILE A 28 -5.74 -1.11 -32.74
CA ILE A 28 -4.41 -0.92 -32.09
C ILE A 28 -4.23 -2.08 -31.10
N PHE A 29 -5.32 -2.62 -30.59
CA PHE A 29 -5.29 -3.73 -29.62
C PHE A 29 -4.92 -4.99 -30.35
N GLU A 30 -5.47 -5.19 -31.54
CA GLU A 30 -5.25 -6.41 -32.35
C GLU A 30 -3.90 -6.30 -33.05
N SER A 31 -3.30 -5.12 -33.10
CA SER A 31 -1.94 -4.93 -33.65
C SER A 31 -0.91 -5.42 -32.64
N CYS A 32 -1.35 -5.98 -31.52
CA CYS A 32 -0.44 -6.40 -30.42
C CYS A 32 -0.38 -7.92 -30.32
N VAL A 33 0.81 -8.45 -30.09
CA VAL A 33 0.99 -9.90 -29.85
C VAL A 33 0.06 -10.22 -28.70
N ARG A 34 0.17 -9.42 -27.63
CA ARG A 34 -0.71 -9.57 -26.45
C ARG A 34 -1.85 -8.54 -26.56
N ASN A 35 -2.93 -8.90 -27.24
CA ASN A 35 -4.15 -8.08 -27.38
C ASN A 35 -4.68 -7.85 -25.97
N PRO A 36 -4.76 -6.59 -25.46
CA PRO A 36 -5.03 -6.34 -24.05
C PRO A 36 -6.51 -6.10 -23.71
N VAL A 37 -7.42 -6.46 -24.61
CA VAL A 37 -8.85 -6.04 -24.55
C VAL A 37 -9.56 -6.71 -23.36
N GLU A 38 -9.27 -7.96 -23.02
CA GLU A 38 -10.08 -8.60 -21.94
C GLU A 38 -9.57 -8.21 -20.56
N ASN A 39 -8.27 -7.99 -20.41
CA ASN A 39 -7.71 -7.53 -19.11
C ASN A 39 -8.13 -6.08 -18.87
N ILE A 40 -8.27 -5.26 -19.91
CA ILE A 40 -8.79 -3.87 -19.79
C ILE A 40 -10.29 -3.99 -19.49
N MET A 41 -10.96 -4.94 -20.13
CA MET A 41 -12.44 -5.06 -19.99
C MET A 41 -12.73 -5.54 -18.56
N LYS A 42 -11.86 -6.40 -18.01
CA LYS A 42 -11.99 -6.93 -16.63
C LYS A 42 -11.82 -5.83 -15.56
N ILE A 43 -10.68 -5.11 -15.57
CA ILE A 43 -10.36 -3.96 -14.65
C ILE A 43 -11.61 -3.07 -14.53
N LEU A 44 -12.22 -2.78 -15.68
CA LEU A 44 -13.32 -1.79 -15.81
C LEU A 44 -14.55 -2.36 -15.12
N LYS A 45 -14.80 -3.64 -15.30
CA LYS A 45 -15.88 -4.33 -14.55
C LYS A 45 -15.55 -4.20 -13.06
N GLY A 46 -14.43 -4.73 -12.58
CA GLY A 46 -14.01 -4.65 -11.16
C GLY A 46 -14.07 -3.23 -10.59
N ILE A 47 -13.37 -2.24 -11.16
CA ILE A 47 -13.37 -0.84 -10.63
C ILE A 47 -14.83 -0.37 -10.49
N GLY A 48 -15.69 -0.70 -11.45
CA GLY A 48 -17.11 -0.34 -11.46
C GLY A 48 -17.87 -0.99 -10.32
N GLU A 49 -17.77 -2.32 -10.16
CA GLU A 49 -18.54 -3.03 -9.11
C GLU A 49 -18.17 -2.43 -7.76
N THR A 50 -16.89 -2.07 -7.55
CA THR A 50 -16.44 -1.46 -6.28
C THR A 50 -16.95 -0.02 -6.20
N PHE A 51 -16.89 0.71 -7.32
CA PHE A 51 -17.39 2.10 -7.39
C PHE A 51 -18.82 2.12 -6.83
N CYS A 52 -19.64 1.14 -7.23
CA CYS A 52 -21.10 1.10 -6.98
C CYS A 52 -21.36 0.54 -5.59
N GLN A 53 -20.62 -0.48 -5.18
CA GLN A 53 -20.73 -1.01 -3.81
C GLN A 53 -20.48 0.12 -2.82
N HIS A 54 -19.51 1.02 -3.07
CA HIS A 54 -19.13 2.11 -2.12
C HIS A 54 -19.99 3.37 -2.27
N TYR A 55 -20.29 3.79 -3.49
CA TYR A 55 -21.24 4.89 -3.79
C TYR A 55 -22.50 4.61 -2.97
N THR A 56 -23.08 3.42 -3.05
CA THR A 56 -24.40 3.08 -2.45
C THR A 56 -24.40 2.58 -1.01
N GLN A 57 -23.40 2.89 -0.20
CA GLN A 57 -23.33 2.44 1.20
C GLN A 57 -23.13 3.66 2.10
N SER A 58 -24.04 3.84 3.07
CA SER A 58 -24.04 5.05 3.93
C SER A 58 -23.07 4.95 5.11
N THR A 59 -21.81 5.28 4.89
CA THR A 59 -20.86 5.33 6.02
C THR A 59 -21.27 6.55 6.83
N ASP A 60 -21.01 6.56 8.13
CA ASP A 60 -21.30 7.78 8.91
C ASP A 60 -20.13 8.73 8.68
N GLU A 61 -19.97 9.21 7.44
CA GLU A 61 -18.90 10.16 7.06
C GLU A 61 -19.26 10.62 5.64
N GLN A 62 -19.89 9.75 4.86
CA GLN A 62 -20.40 10.14 3.53
C GLN A 62 -21.71 9.37 3.32
N PRO A 63 -22.88 10.04 3.40
CA PRO A 63 -24.13 9.34 3.25
C PRO A 63 -24.17 8.58 1.92
N GLY A 64 -25.00 7.55 1.81
CA GLY A 64 -25.04 6.68 0.62
C GLY A 64 -26.17 7.01 -0.32
N SER A 65 -25.89 7.08 -1.62
CA SER A 65 -26.88 7.55 -2.61
C SER A 65 -27.58 6.39 -3.32
N HIS A 66 -28.30 6.65 -4.43
CA HIS A 66 -29.09 5.61 -5.12
C HIS A 66 -28.22 4.94 -6.20
N ILE A 67 -28.41 3.65 -6.48
CA ILE A 67 -27.71 2.91 -7.59
C ILE A 67 -27.95 3.61 -8.94
N ASP A 68 -29.14 4.13 -9.19
CA ASP A 68 -29.50 4.69 -10.51
C ASP A 68 -28.48 5.74 -10.97
N PHE A 69 -27.93 6.52 -10.06
CA PHE A 69 -27.00 7.60 -10.44
C PHE A 69 -25.59 7.04 -10.62
N ALA A 70 -25.23 6.03 -9.83
CA ALA A 70 -23.88 5.42 -9.92
C ALA A 70 -23.61 4.93 -11.33
N VAL A 71 -24.42 3.99 -11.80
CA VAL A 71 -24.28 3.43 -13.16
C VAL A 71 -24.27 4.57 -14.18
N ASN A 72 -24.88 5.71 -13.85
CA ASN A 72 -24.87 6.92 -14.72
C ASN A 72 -23.48 7.55 -14.66
N ARG A 73 -22.85 7.57 -13.48
CA ARG A 73 -21.54 8.23 -13.30
C ARG A 73 -20.43 7.28 -13.73
N LEU A 74 -20.73 6.01 -13.93
CA LEU A 74 -19.73 5.00 -14.40
C LEU A 74 -19.79 4.92 -15.92
N LYS A 75 -20.98 4.76 -16.49
CA LYS A 75 -21.13 4.71 -17.96
C LYS A 75 -20.36 5.85 -18.58
N LEU A 76 -20.43 7.05 -18.02
CA LEU A 76 -19.79 8.27 -18.56
C LEU A 76 -18.29 8.21 -18.41
N ALA A 77 -17.80 7.77 -17.26
CA ALA A 77 -16.35 7.75 -16.97
C ALA A 77 -15.68 6.74 -17.89
N GLU A 78 -16.45 5.74 -18.30
CA GLU A 78 -15.98 4.73 -19.24
C GLU A 78 -16.00 5.34 -20.62
N ILE A 79 -17.08 5.98 -21.07
CA ILE A 79 -17.02 6.58 -22.43
C ILE A 79 -15.76 7.43 -22.56
N LEU A 80 -15.36 8.15 -21.52
CA LEU A 80 -14.19 9.07 -21.56
C LEU A 80 -12.90 8.27 -21.54
N TYR A 81 -12.94 7.10 -20.93
CA TYR A 81 -11.77 6.23 -20.84
C TYR A 81 -11.37 5.78 -22.21
N TYR A 82 -12.30 5.16 -22.91
CA TYR A 82 -12.04 4.63 -24.26
C TYR A 82 -11.66 5.75 -25.21
N LYS A 83 -12.21 6.95 -25.05
CA LYS A 83 -11.89 8.14 -25.89
C LYS A 83 -10.48 8.62 -25.60
N ILE A 84 -10.10 8.67 -24.33
CA ILE A 84 -8.78 9.19 -23.89
C ILE A 84 -7.81 8.04 -24.06
N LEU A 85 -8.21 6.80 -23.80
CA LEU A 85 -7.33 5.67 -24.19
C LEU A 85 -6.98 5.84 -25.66
N GLU A 86 -7.99 5.97 -26.52
CA GLU A 86 -7.83 5.97 -27.98
C GLU A 86 -6.90 7.14 -28.36
N THR A 87 -7.13 8.36 -27.85
CA THR A 87 -6.20 9.50 -28.09
C THR A 87 -4.77 9.11 -27.71
N VAL A 88 -4.63 8.66 -26.48
CA VAL A 88 -3.33 8.41 -25.81
C VAL A 88 -2.56 7.45 -26.70
N MET A 89 -3.21 6.36 -27.11
CA MET A 89 -2.56 5.24 -27.83
C MET A 89 -2.25 5.69 -29.26
N VAL A 90 -3.14 6.46 -29.90
CA VAL A 90 -2.91 6.86 -31.31
C VAL A 90 -1.66 7.76 -31.34
N GLN A 91 -1.48 8.64 -30.33
CA GLN A 91 -0.37 9.66 -30.24
C GLN A 91 0.92 9.06 -29.67
N GLU A 92 0.86 7.86 -29.12
CA GLU A 92 2.05 7.14 -28.59
C GLU A 92 3.09 6.97 -29.71
N THR A 93 4.27 7.59 -29.60
CA THR A 93 5.31 7.54 -30.67
C THR A 93 5.72 6.09 -30.99
N ARG A 94 5.37 5.11 -30.16
CA ARG A 94 5.54 3.67 -30.46
C ARG A 94 4.48 3.20 -31.45
N ARG A 95 3.25 3.72 -31.38
CA ARG A 95 2.25 3.47 -32.44
C ARG A 95 2.75 4.13 -33.75
N LEU A 96 3.25 5.37 -33.65
CA LEU A 96 3.61 6.22 -34.81
C LEU A 96 4.84 5.66 -35.54
N HIS A 97 5.75 4.96 -34.87
CA HIS A 97 6.90 4.25 -35.52
C HIS A 97 6.59 2.76 -35.66
N GLY A 98 5.31 2.41 -35.86
CA GLY A 98 4.83 1.07 -36.25
C GLY A 98 5.17 -0.03 -35.27
N MET A 99 5.49 0.30 -34.00
CA MET A 99 5.99 -0.66 -32.96
C MET A 99 4.86 -1.22 -32.08
N ASP A 100 5.13 -2.42 -31.56
CA ASP A 100 4.14 -3.33 -30.92
C ASP A 100 3.93 -2.91 -29.46
N MET A 101 2.74 -2.43 -29.16
CA MET A 101 2.46 -1.74 -27.88
C MET A 101 1.92 -2.71 -26.83
N SER A 102 2.16 -4.02 -26.97
CA SER A 102 1.84 -5.03 -25.92
C SER A 102 2.24 -4.53 -24.52
N VAL A 103 3.44 -3.96 -24.36
CA VAL A 103 3.98 -3.65 -23.01
C VAL A 103 3.33 -2.36 -22.44
N LEU A 104 3.06 -1.32 -23.23
CA LEU A 104 2.32 -0.13 -22.71
C LEU A 104 0.91 -0.55 -22.28
N LEU A 105 0.25 -1.44 -23.03
CA LEU A 105 -1.22 -1.61 -22.90
C LEU A 105 -1.53 -2.61 -21.79
N GLU A 106 -0.49 -3.19 -21.18
CA GLU A 106 -0.64 -4.22 -20.12
C GLU A 106 -0.08 -3.70 -18.78
N GLN A 107 0.16 -2.39 -18.64
CA GLN A 107 0.41 -1.72 -17.34
C GLN A 107 -0.93 -1.35 -16.69
N ASP A 108 -1.42 -2.20 -15.79
CA ASP A 108 -2.77 -2.06 -15.16
C ASP A 108 -2.85 -0.78 -14.33
N ILE A 109 -1.77 -0.40 -13.64
CA ILE A 109 -1.79 0.82 -12.77
C ILE A 109 -2.12 2.04 -13.62
N PHE A 110 -1.75 2.07 -14.90
CA PHE A 110 -2.11 3.17 -15.85
C PHE A 110 -3.63 3.16 -16.09
N HIS A 111 -4.16 2.00 -16.54
CA HIS A 111 -5.60 1.68 -16.79
C HIS A 111 -6.47 2.04 -15.58
N ARG A 112 -6.12 1.55 -14.38
CA ARG A 112 -6.83 1.83 -13.10
C ARG A 112 -6.78 3.33 -12.74
N SER A 113 -5.65 4.00 -12.82
CA SER A 113 -5.58 5.44 -12.43
C SER A 113 -6.30 6.31 -13.47
N LEU A 114 -6.24 5.93 -14.76
CA LEU A 114 -6.94 6.65 -15.87
C LEU A 114 -8.44 6.63 -15.59
N MET A 115 -9.01 5.44 -15.41
CA MET A 115 -10.44 5.22 -15.05
C MET A 115 -10.77 5.99 -13.76
N ALA A 116 -9.86 6.00 -12.79
CA ALA A 116 -9.96 6.78 -11.54
C ALA A 116 -9.99 8.27 -11.86
N CYS A 117 -8.98 8.72 -12.58
CA CYS A 117 -8.87 10.15 -12.89
C CYS A 117 -10.16 10.63 -13.54
N CYS A 118 -10.63 9.87 -14.51
CA CYS A 118 -11.91 10.08 -15.24
C CYS A 118 -13.05 10.15 -14.23
N LEU A 119 -13.13 9.19 -13.28
CA LEU A 119 -14.32 9.08 -12.38
C LEU A 119 -14.40 10.34 -11.54
N GLU A 120 -13.24 10.86 -11.19
CA GLU A 120 -13.10 12.14 -10.47
C GLU A 120 -13.68 13.26 -11.32
N ILE A 121 -13.56 13.17 -12.65
CA ILE A 121 -13.98 14.25 -13.60
C ILE A 121 -15.50 14.39 -13.58
N VAL A 122 -16.22 13.28 -13.70
CA VAL A 122 -17.69 13.20 -13.59
C VAL A 122 -18.14 13.85 -12.27
N LEU A 123 -17.66 13.27 -11.17
CA LEU A 123 -17.99 13.63 -9.76
C LEU A 123 -17.53 15.07 -9.49
N PHE A 124 -16.42 15.50 -10.01
CA PHE A 124 -16.12 16.93 -9.78
C PHE A 124 -17.18 17.75 -10.49
N ALA A 125 -17.53 17.35 -11.71
CA ALA A 125 -18.31 18.16 -12.65
C ALA A 125 -19.81 18.03 -12.34
N TYR A 126 -20.27 17.01 -11.63
CA TYR A 126 -21.59 17.05 -10.95
C TYR A 126 -21.54 17.70 -9.57
N SER A 127 -20.42 18.33 -9.19
CA SER A 127 -20.24 18.97 -7.87
C SER A 127 -20.43 17.94 -6.77
N SER A 128 -19.86 16.74 -6.91
CA SER A 128 -20.21 15.55 -6.07
C SER A 128 -19.94 15.85 -4.60
N PRO A 129 -20.69 15.29 -3.65
CA PRO A 129 -20.27 15.38 -2.25
C PRO A 129 -18.86 14.79 -2.07
N ARG A 130 -18.54 13.72 -2.80
CA ARG A 130 -17.40 12.81 -2.56
C ARG A 130 -16.09 13.45 -3.03
N THR A 131 -15.62 14.52 -2.36
CA THR A 131 -14.37 15.31 -2.59
C THR A 131 -13.13 14.42 -2.70
N PHE A 132 -12.21 14.72 -3.63
CA PHE A 132 -10.90 14.00 -3.68
C PHE A 132 -10.22 14.06 -2.31
N PRO A 133 -9.56 12.98 -1.82
CA PRO A 133 -9.40 11.70 -2.53
C PRO A 133 -10.26 10.47 -2.21
N TRP A 134 -11.60 10.60 -2.23
CA TRP A 134 -12.55 9.49 -1.98
C TRP A 134 -12.35 8.44 -3.08
N ILE A 135 -12.23 8.89 -4.31
CA ILE A 135 -12.20 7.97 -5.46
C ILE A 135 -10.97 7.06 -5.37
N ILE A 136 -9.77 7.60 -5.11
CA ILE A 136 -8.55 6.75 -5.11
C ILE A 136 -8.63 5.87 -3.87
N GLU A 137 -9.08 6.39 -2.73
CA GLU A 137 -9.30 5.57 -1.49
C GLU A 137 -10.18 4.36 -1.86
N VAL A 138 -11.41 4.60 -2.28
CA VAL A 138 -12.39 3.53 -2.55
C VAL A 138 -11.76 2.45 -3.44
N LEU A 139 -10.83 2.81 -4.35
CA LEU A 139 -10.31 1.90 -5.43
C LEU A 139 -8.91 1.35 -5.11
N ASN A 140 -8.41 1.52 -3.89
CA ASN A 140 -7.06 1.18 -3.41
C ASN A 140 -6.01 1.61 -4.44
N LEU A 141 -5.95 2.90 -4.76
CA LEU A 141 -4.90 3.48 -5.62
C LEU A 141 -3.93 4.31 -4.79
N GLN A 142 -2.64 4.02 -4.98
CA GLN A 142 -1.48 4.78 -4.43
C GLN A 142 -1.31 6.13 -5.12
N PRO A 143 -1.59 7.22 -4.39
CA PRO A 143 -1.51 8.55 -4.97
C PRO A 143 -0.15 8.77 -5.67
N PHE A 144 0.96 8.21 -5.19
CA PHE A 144 2.30 8.30 -5.84
C PHE A 144 2.27 7.82 -7.28
N TYR A 145 1.44 6.83 -7.58
CA TYR A 145 1.39 6.23 -8.94
C TYR A 145 0.29 6.87 -9.78
N PHE A 146 -0.79 7.36 -9.14
CA PHE A 146 -1.94 7.98 -9.80
C PHE A 146 -1.61 9.39 -10.33
N TYR A 147 -0.85 10.20 -9.61
CA TYR A 147 -0.59 11.60 -10.03
C TYR A 147 -0.03 11.67 -11.44
N LYS A 148 0.57 10.60 -11.93
CA LYS A 148 1.29 10.61 -13.21
C LYS A 148 0.33 10.50 -14.40
N VAL A 149 -0.94 10.17 -14.19
CA VAL A 149 -1.97 10.10 -15.25
C VAL A 149 -2.56 11.48 -15.48
N ILE A 150 -2.42 12.40 -14.54
CA ILE A 150 -3.11 13.72 -14.63
C ILE A 150 -2.47 14.57 -15.75
N GLU A 151 -1.14 14.56 -15.88
CA GLU A 151 -0.46 15.29 -16.96
C GLU A 151 -0.69 14.61 -18.31
N VAL A 152 -1.12 13.35 -18.31
CA VAL A 152 -1.42 12.58 -19.55
C VAL A 152 -2.83 12.92 -20.01
N VAL A 153 -3.76 13.17 -19.09
CA VAL A 153 -5.20 13.37 -19.45
C VAL A 153 -5.49 14.82 -19.87
N ILE A 154 -4.76 15.83 -19.39
CA ILE A 154 -4.97 17.22 -19.89
C ILE A 154 -4.48 17.30 -21.34
N ARG A 155 -3.35 16.66 -21.63
CA ARG A 155 -2.74 16.69 -22.98
C ARG A 155 -3.37 15.66 -23.93
N SER A 156 -4.25 14.81 -23.44
CA SER A 156 -4.91 13.77 -24.26
C SER A 156 -6.40 14.00 -24.30
N GLU A 157 -6.88 15.20 -23.94
CA GLU A 157 -8.31 15.63 -23.98
C GLU A 157 -8.36 17.14 -23.80
N GLU A 158 -8.37 17.88 -24.90
CA GLU A 158 -8.30 19.36 -24.83
C GLU A 158 -9.69 19.98 -24.72
N GLY A 159 -10.73 19.17 -24.86
CA GLY A 159 -12.10 19.66 -24.72
C GLY A 159 -12.47 19.72 -23.28
N LEU A 160 -11.47 19.91 -22.41
CA LEU A 160 -11.66 19.97 -20.95
C LEU A 160 -11.58 21.43 -20.52
N SER A 161 -12.64 21.93 -19.89
CA SER A 161 -12.76 23.32 -19.39
C SER A 161 -11.53 23.68 -18.55
N ARG A 162 -11.22 24.98 -18.42
CA ARG A 162 -10.07 25.49 -17.60
C ARG A 162 -10.33 25.20 -16.10
N ASP A 163 -11.59 24.93 -15.72
CA ASP A 163 -12.06 24.58 -14.35
C ASP A 163 -11.96 23.07 -14.09
N MET A 164 -12.03 22.23 -15.12
CA MET A 164 -11.65 20.78 -15.05
C MET A 164 -10.14 20.70 -14.82
N VAL A 165 -9.33 21.41 -15.61
CA VAL A 165 -7.85 21.32 -15.52
C VAL A 165 -7.40 21.84 -14.16
N LYS A 166 -7.80 23.07 -13.79
CA LYS A 166 -7.57 23.67 -12.45
C LYS A 166 -7.89 22.62 -11.38
N HIS A 167 -8.96 21.89 -11.56
CA HIS A 167 -9.30 20.78 -10.63
C HIS A 167 -8.17 19.75 -10.70
N LEU A 168 -7.78 19.31 -11.90
CA LEU A 168 -6.84 18.17 -12.03
C LEU A 168 -5.48 18.55 -11.49
N ASN A 169 -5.07 19.81 -11.64
CA ASN A 169 -3.76 20.31 -11.12
C ASN A 169 -3.77 20.45 -9.60
N SER A 170 -4.91 20.85 -9.03
CA SER A 170 -5.09 21.02 -7.57
C SER A 170 -5.06 19.63 -6.89
N ILE A 171 -5.66 18.57 -7.43
CA ILE A 171 -5.53 17.21 -6.81
C ILE A 171 -4.11 16.68 -7.06
N GLU A 172 -3.47 16.97 -8.21
CA GLU A 172 -2.01 16.68 -8.42
C GLU A 172 -1.18 17.38 -7.32
N GLU A 173 -1.49 18.64 -6.99
CA GLU A 173 -0.76 19.38 -5.93
C GLU A 173 -1.09 18.79 -4.55
N GLN A 174 -2.31 18.31 -4.31
CA GLN A 174 -2.64 17.65 -3.02
C GLN A 174 -1.77 16.42 -2.83
N ILE A 175 -1.47 15.74 -3.91
CA ILE A 175 -0.63 14.50 -3.85
C ILE A 175 0.87 14.83 -3.69
N LEU A 176 1.38 15.96 -4.18
CA LEU A 176 2.82 16.30 -4.01
C LEU A 176 3.10 16.91 -2.63
N GLU A 177 2.12 17.58 -2.00
CA GLU A 177 2.28 18.31 -0.71
C GLU A 177 2.02 17.43 0.51
N SER A 178 1.15 16.43 0.38
CA SER A 178 0.87 15.44 1.43
C SER A 178 0.38 14.23 0.65
N LEU A 179 -0.38 13.32 1.24
CA LEU A 179 -0.99 12.18 0.49
C LEU A 179 0.05 11.15 0.02
N ALA A 180 1.10 11.57 -0.66
CA ALA A 180 2.13 10.64 -1.16
C ALA A 180 3.27 10.46 -0.16
N TRP A 181 3.25 11.21 0.93
CA TRP A 181 4.28 11.07 1.97
C TRP A 181 3.66 10.30 3.13
N SER A 182 2.48 9.70 2.91
CA SER A 182 1.81 8.85 3.91
C SER A 182 2.74 7.71 4.26
N HIS A 183 2.69 7.23 5.50
CA HIS A 183 3.53 6.10 5.96
C HIS A 183 3.34 4.91 5.02
N ASP A 184 2.13 4.74 4.48
CA ASP A 184 1.81 3.59 3.61
C ASP A 184 2.07 3.89 2.15
N SER A 185 2.85 4.91 1.80
CA SER A 185 3.07 5.26 0.37
C SER A 185 4.21 4.44 -0.22
N ALA A 186 4.23 4.37 -1.53
CA ALA A 186 5.25 3.59 -2.23
C ALA A 186 6.46 4.47 -2.50
N LEU A 187 6.41 5.72 -2.07
CA LEU A 187 7.55 6.62 -2.24
C LEU A 187 8.65 6.10 -1.35
N TRP A 188 8.28 5.42 -0.27
CA TRP A 188 9.26 4.90 0.71
C TRP A 188 9.87 3.62 0.18
N GLU A 189 9.10 2.81 -0.54
CA GLU A 189 9.60 1.58 -1.16
C GLU A 189 10.56 1.94 -2.29
N ALA A 190 10.27 3.00 -3.02
CA ALA A 190 11.12 3.47 -4.15
C ALA A 190 12.35 4.22 -3.67
N LEU A 191 12.28 4.93 -2.56
CA LEU A 191 13.50 5.54 -1.99
C LEU A 191 14.35 4.42 -1.39
N GLN A 192 13.75 3.32 -0.92
CA GLN A 192 14.51 2.18 -0.34
C GLN A 192 15.36 1.50 -1.41
N VAL A 193 14.72 1.16 -2.53
CA VAL A 193 15.43 0.43 -3.62
C VAL A 193 16.41 1.40 -4.29
N SER A 194 16.44 2.64 -3.81
CA SER A 194 17.49 3.62 -4.17
C SER A 194 18.43 3.83 -2.98
N ALA A 195 18.64 2.76 -2.22
CA ALA A 195 19.51 2.79 -1.04
C ALA A 195 19.19 4.05 -0.24
N ASN A 196 17.92 4.50 -0.24
CA ASN A 196 17.46 5.72 0.48
C ASN A 196 18.17 6.98 0.01
N LYS A 197 18.31 7.16 -1.31
CA LYS A 197 19.04 8.28 -1.90
C LYS A 197 18.02 9.24 -2.51
N VAL A 198 17.74 10.32 -1.79
CA VAL A 198 16.75 11.32 -2.26
C VAL A 198 17.37 12.11 -3.39
N PRO A 199 16.68 12.23 -4.55
CA PRO A 199 17.17 13.00 -5.67
C PRO A 199 17.28 14.50 -5.36
N THR A 200 18.30 15.19 -5.87
CA THR A 200 18.52 16.63 -5.57
C THR A 200 17.99 17.50 -6.72
N CYS A 201 18.03 18.83 -6.59
CA CYS A 201 17.41 19.75 -7.60
C CYS A 201 18.34 19.97 -8.78
N GLU A 202 19.50 19.35 -8.80
CA GLU A 202 20.35 19.44 -10.01
C GLU A 202 20.12 18.17 -10.82
N GLU A 203 19.79 17.06 -10.17
CA GLU A 203 19.65 15.76 -10.88
C GLU A 203 18.25 15.58 -11.45
N VAL A 204 17.31 16.46 -11.10
CA VAL A 204 15.90 16.33 -11.54
C VAL A 204 15.50 17.58 -12.33
N ILE A 205 15.84 18.78 -11.86
CA ILE A 205 15.56 20.02 -12.64
C ILE A 205 16.62 20.19 -13.73
N PHE A 206 17.90 20.05 -13.41
CA PHE A 206 18.93 20.06 -14.48
C PHE A 206 19.25 18.62 -14.86
N ARG A 219 19.06 12.06 -13.73
CA ARG A 219 18.47 10.70 -13.52
C ARG A 219 16.99 10.72 -13.93
N THR A 220 16.44 9.56 -14.32
CA THR A 220 15.03 9.43 -14.75
C THR A 220 14.29 8.42 -13.88
N GLY A 221 12.97 8.31 -14.06
CA GLY A 221 12.18 7.32 -13.32
C GLY A 221 10.97 7.89 -12.62
N SER A 222 10.60 7.32 -11.49
CA SER A 222 9.39 7.74 -10.75
C SER A 222 9.80 8.59 -9.56
N LEU A 223 10.97 8.30 -9.04
CA LEU A 223 11.44 9.05 -7.88
C LEU A 223 11.84 10.43 -8.38
N ALA A 224 12.59 10.48 -9.46
CA ALA A 224 13.04 11.73 -10.06
C ALA A 224 11.87 12.61 -10.48
N LEU A 225 10.82 12.05 -11.08
CA LEU A 225 9.64 12.78 -11.60
C LEU A 225 8.71 13.21 -10.48
N PHE A 226 8.74 12.53 -9.33
CA PHE A 226 7.95 12.99 -8.16
C PHE A 226 8.68 14.17 -7.54
N TYR A 227 9.99 14.08 -7.39
CA TYR A 227 10.80 15.16 -6.77
C TYR A 227 11.03 16.28 -7.78
N ARG A 228 10.74 16.03 -9.04
CA ARG A 228 10.81 17.10 -10.06
C ARG A 228 9.57 17.96 -9.90
N LYS A 229 8.44 17.33 -9.64
CA LYS A 229 7.18 18.06 -9.50
C LYS A 229 7.11 18.67 -8.09
N VAL A 230 7.76 18.04 -7.11
CA VAL A 230 7.75 18.50 -5.69
C VAL A 230 8.69 19.69 -5.55
N TYR A 231 9.85 19.65 -6.20
CA TYR A 231 10.77 20.81 -6.15
C TYR A 231 10.14 21.96 -6.90
N HIS A 232 9.37 21.67 -7.94
CA HIS A 232 8.66 22.70 -8.74
C HIS A 232 7.57 23.37 -7.91
N LEU A 233 6.67 22.59 -7.32
CA LEU A 233 5.61 23.15 -6.45
C LEU A 233 6.22 23.96 -5.32
N ALA A 234 7.30 23.49 -4.72
CA ALA A 234 7.84 24.21 -3.55
C ALA A 234 8.41 25.56 -3.99
N SER A 235 9.24 25.54 -5.03
CA SER A 235 9.91 26.73 -5.60
C SER A 235 8.86 27.80 -5.90
N VAL A 236 7.80 27.43 -6.61
CA VAL A 236 6.63 28.32 -6.89
C VAL A 236 6.09 28.89 -5.57
N ARG A 237 5.89 28.09 -4.54
CA ARG A 237 5.19 28.54 -3.31
C ARG A 237 6.10 29.49 -2.53
N LEU A 238 7.42 29.24 -2.61
CA LEU A 238 8.47 30.08 -1.98
C LEU A 238 8.60 31.43 -2.71
N ARG A 239 8.57 31.47 -4.07
CA ARG A 239 8.59 32.73 -4.89
C ARG A 239 7.51 33.65 -4.35
N ASP A 240 6.30 33.12 -4.14
CA ASP A 240 5.04 33.89 -3.85
C ASP A 240 4.93 34.21 -2.35
N LEU A 241 5.69 33.54 -1.49
CA LEU A 241 5.89 33.94 -0.07
C LEU A 241 7.02 34.98 -0.03
N CYS A 242 8.13 34.73 -0.70
CA CYS A 242 9.28 35.67 -0.78
C CYS A 242 8.80 37.04 -1.23
N LEU A 243 7.86 37.08 -2.19
CA LEU A 243 7.33 38.36 -2.73
C LEU A 243 6.44 39.03 -1.68
N LYS A 244 5.39 38.33 -1.21
CA LYS A 244 4.41 38.84 -0.22
C LYS A 244 5.15 39.28 1.06
N LEU A 245 6.27 38.67 1.46
CA LEU A 245 7.01 39.03 2.71
C LEU A 245 8.21 39.93 2.43
N ASP A 246 8.49 40.20 1.14
CA ASP A 246 9.37 41.29 0.63
C ASP A 246 10.77 41.09 1.24
N VAL A 247 11.38 39.95 0.94
CA VAL A 247 12.80 39.63 1.33
C VAL A 247 13.64 39.50 0.07
N SER A 248 14.95 39.41 0.25
CA SER A 248 15.97 39.35 -0.83
C SER A 248 15.74 38.15 -1.74
N ASN A 249 16.28 38.20 -2.96
CA ASN A 249 16.41 37.06 -3.89
C ASN A 249 17.69 36.29 -3.54
N GLU A 250 18.48 36.84 -2.60
CA GLU A 250 19.82 36.33 -2.19
C GLU A 250 19.64 35.46 -0.94
N LEU A 251 18.57 35.70 -0.16
CA LEU A 251 18.21 34.90 1.04
C LEU A 251 17.24 33.81 0.60
N ARG A 252 16.33 34.13 -0.31
CA ARG A 252 15.39 33.13 -0.83
C ARG A 252 16.23 31.98 -1.35
N ARG A 253 17.39 32.30 -1.92
CA ARG A 253 18.27 31.27 -2.50
C ARG A 253 18.97 30.52 -1.37
N LYS A 254 18.67 30.83 -0.11
CA LYS A 254 19.23 30.11 1.06
C LYS A 254 18.09 29.35 1.75
N ILE A 255 16.89 29.91 1.77
CA ILE A 255 15.69 29.21 2.32
C ILE A 255 15.39 28.00 1.45
N TRP A 256 15.73 28.08 0.17
CA TRP A 256 15.57 26.93 -0.75
C TRP A 256 16.61 25.84 -0.42
N THR A 257 17.77 26.22 0.09
CA THR A 257 18.85 25.22 0.29
C THR A 257 18.67 24.57 1.67
N CYS A 258 17.98 25.25 2.60
CA CYS A 258 17.48 24.63 3.87
C CYS A 258 16.28 23.72 3.54
N PHE A 259 15.40 24.11 2.61
CA PHE A 259 14.22 23.29 2.22
C PHE A 259 14.65 22.08 1.40
N GLU A 260 15.88 22.09 0.85
CA GLU A 260 16.45 20.93 0.13
C GLU A 260 17.14 20.02 1.14
N PHE A 261 17.75 20.59 2.19
CA PHE A 261 18.52 19.83 3.20
C PHE A 261 17.55 18.93 3.98
N THR A 262 16.38 19.45 4.31
CA THR A 262 15.31 18.71 5.03
C THR A 262 14.75 17.61 4.13
N LEU A 263 14.45 17.85 2.85
CA LEU A 263 13.91 16.81 1.93
C LEU A 263 14.94 15.70 1.68
N VAL A 264 16.24 16.03 1.78
CA VAL A 264 17.38 15.21 1.25
C VAL A 264 18.13 14.55 2.41
N HIS A 265 18.45 15.29 3.47
CA HIS A 265 19.11 14.73 4.69
C HIS A 265 18.14 14.73 5.88
N CYS A 266 16.82 14.74 5.66
CA CYS A 266 15.81 14.55 6.75
C CYS A 266 14.48 14.10 6.16
N PRO A 267 14.45 13.14 5.24
CA PRO A 267 13.24 12.85 4.47
C PRO A 267 12.14 12.11 5.25
N ASP A 268 12.44 11.70 6.48
CA ASP A 268 11.47 11.10 7.43
C ASP A 268 10.62 12.24 7.98
N LEU A 269 11.17 13.43 8.04
CA LEU A 269 10.47 14.63 8.59
C LEU A 269 9.17 14.79 7.83
N MET A 270 9.14 14.35 6.58
CA MET A 270 7.99 14.58 5.67
C MET A 270 6.89 13.53 5.88
N LYS A 271 7.23 12.40 6.52
CA LYS A 271 6.32 11.23 6.66
C LYS A 271 5.09 11.62 7.47
N ASP A 272 3.92 11.47 6.87
CA ASP A 272 2.60 11.88 7.43
C ASP A 272 2.56 13.40 7.67
N ARG A 273 3.04 14.20 6.73
CA ARG A 273 3.13 15.68 6.89
C ARG A 273 2.83 16.43 5.58
N HIS A 274 2.96 17.76 5.64
CA HIS A 274 2.73 18.74 4.55
C HIS A 274 4.07 19.38 4.11
N LEU A 275 4.17 19.68 2.82
CA LEU A 275 5.36 20.31 2.18
C LEU A 275 5.56 21.70 2.78
N ASP A 276 4.46 22.29 3.21
CA ASP A 276 4.37 23.73 3.58
C ASP A 276 4.86 23.90 5.01
N GLN A 277 4.60 22.92 5.87
CA GLN A 277 5.12 22.89 7.26
C GLN A 277 6.64 22.98 7.22
N LEU A 278 7.31 22.32 6.27
CA LEU A 278 8.80 22.23 6.20
C LEU A 278 9.40 23.45 5.49
N LEU A 279 8.61 24.02 4.60
CA LEU A 279 8.97 25.19 3.77
C LEU A 279 8.88 26.45 4.64
N LEU A 280 7.79 26.59 5.40
CA LEU A 280 7.58 27.73 6.32
C LEU A 280 8.61 27.70 7.42
N CYS A 281 8.96 26.51 7.89
CA CYS A 281 9.89 26.35 9.04
C CYS A 281 11.30 26.72 8.57
N ALA A 282 11.63 26.41 7.33
CA ALA A 282 12.93 26.76 6.74
C ALA A 282 13.06 28.27 6.52
N PHE A 283 11.96 28.95 6.26
CA PHE A 283 11.98 30.42 6.08
C PHE A 283 12.41 31.04 7.39
N TYR A 284 11.65 30.82 8.46
CA TYR A 284 11.93 31.47 9.76
C TYR A 284 13.33 31.19 10.23
N ILE A 285 13.80 29.97 10.04
CA ILE A 285 15.14 29.60 10.59
C ILE A 285 16.22 30.32 9.81
N MET A 286 15.99 30.60 8.53
CA MET A 286 17.03 31.11 7.59
C MET A 286 16.91 32.64 7.46
N ALA A 287 15.79 33.20 7.86
CA ALA A 287 15.68 34.65 7.94
C ALA A 287 16.39 35.06 9.22
N LYS A 288 16.37 34.19 10.24
CA LYS A 288 16.91 34.52 11.58
C LYS A 288 18.45 34.34 11.66
N VAL A 289 19.05 33.40 10.94
CA VAL A 289 20.53 33.13 11.06
C VAL A 289 21.30 34.03 10.10
N THR A 290 20.59 34.74 9.22
CA THR A 290 21.01 36.04 8.63
C THR A 290 20.34 37.14 9.46
N LYS A 291 20.68 38.41 9.28
CA LYS A 291 20.03 39.53 10.05
C LYS A 291 18.86 40.11 9.23
N GLU A 292 17.89 39.25 8.86
CA GLU A 292 16.72 39.58 8.00
C GLU A 292 15.49 38.81 8.53
N GLU A 293 14.97 39.24 9.68
CA GLU A 293 13.95 38.48 10.46
C GLU A 293 12.54 38.85 10.00
N ARG A 294 11.77 37.82 9.63
CA ARG A 294 10.28 37.78 9.57
C ARG A 294 9.83 36.73 10.57
N THR A 295 8.63 36.89 11.13
CA THR A 295 8.13 36.04 12.22
C THR A 295 7.00 35.12 11.74
N PHE A 296 6.84 33.99 12.42
CA PHE A 296 5.88 32.90 12.10
C PHE A 296 4.48 33.45 11.88
N GLN A 297 4.15 34.61 12.42
CA GLN A 297 2.81 35.20 12.19
C GLN A 297 2.87 36.03 10.92
N GLU A 298 3.91 36.84 10.78
CA GLU A 298 4.11 37.58 9.49
C GLU A 298 4.02 36.57 8.36
N ILE A 299 4.50 35.34 8.63
CA ILE A 299 4.60 34.21 7.66
C ILE A 299 3.25 33.49 7.57
N MET A 300 2.65 33.04 8.70
CA MET A 300 1.27 32.46 8.77
C MET A 300 0.30 33.28 7.91
N LYS A 301 0.30 34.62 8.04
CA LYS A 301 -0.68 35.54 7.37
C LYS A 301 -0.37 35.61 5.87
N SER A 302 0.89 35.88 5.53
CA SER A 302 1.42 35.92 4.14
C SER A 302 1.07 34.61 3.42
N TYR A 303 1.48 33.48 3.99
CA TYR A 303 1.15 32.10 3.54
C TYR A 303 -0.37 31.90 3.51
N ARG A 304 -1.09 32.44 4.51
CA ARG A 304 -2.55 32.26 4.72
C ARG A 304 -3.31 32.56 3.41
N ASN A 305 -2.67 33.27 2.48
CA ASN A 305 -3.29 33.88 1.26
C ASN A 305 -3.29 32.93 0.06
N GLN A 306 -2.49 31.86 0.04
CA GLN A 306 -2.33 30.93 -1.13
C GLN A 306 -3.55 30.01 -1.24
N PRO A 307 -3.91 29.53 -2.46
CA PRO A 307 -5.08 28.66 -2.65
C PRO A 307 -5.08 27.31 -1.90
N GLN A 308 -3.89 26.79 -1.53
CA GLN A 308 -3.68 25.49 -0.84
C GLN A 308 -3.58 25.68 0.68
N ALA A 309 -3.69 26.93 1.19
CA ALA A 309 -3.43 27.32 2.61
C ALA A 309 -4.71 27.20 3.43
N ASN A 310 -4.75 26.23 4.35
CA ASN A 310 -5.77 26.17 5.43
C ASN A 310 -5.06 26.31 6.77
N SER A 311 -5.85 26.35 7.84
CA SER A 311 -5.41 26.59 9.23
C SER A 311 -4.81 25.30 9.80
N HIS A 312 -5.36 24.13 9.43
CA HIS A 312 -4.91 22.79 9.91
C HIS A 312 -3.41 22.61 9.62
N VAL A 313 -2.93 23.10 8.48
CA VAL A 313 -1.52 22.90 8.01
C VAL A 313 -0.55 23.47 9.06
N TYR A 314 -0.84 24.63 9.65
CA TYR A 314 0.06 25.29 10.64
C TYR A 314 -0.55 25.29 12.05
N ARG A 315 -1.79 24.82 12.22
CA ARG A 315 -2.46 24.75 13.56
C ARG A 315 -2.70 23.29 13.98
N SER A 316 -2.33 22.28 13.17
CA SER A 316 -2.57 20.84 13.49
C SER A 316 -1.43 19.97 12.94
N VAL A 317 -0.20 20.18 13.40
CA VAL A 317 1.02 19.58 12.79
C VAL A 317 1.38 18.30 13.56
N LEU A 318 1.73 17.23 12.84
CA LEU A 318 2.19 15.94 13.41
C LEU A 318 3.54 16.14 14.11
N LEU A 319 3.62 15.76 15.41
CA LEU A 319 4.84 15.85 16.26
C LEU A 319 5.31 14.45 16.69
N LYS A 320 4.39 13.51 17.02
CA LYS A 320 4.68 12.12 17.51
C LYS A 320 3.89 11.05 16.72
N SER A 321 4.50 9.88 16.45
CA SER A 321 3.89 8.71 15.77
C SER A 321 4.13 7.43 16.61
N GLU A 324 0.39 9.10 19.57
CA GLU A 324 0.40 10.19 18.56
C GLU A 324 0.02 11.52 19.20
N GLU A 325 0.91 12.52 19.09
CA GLU A 325 0.63 13.88 19.59
C GLU A 325 0.63 14.84 18.40
N ARG A 326 -0.43 15.63 18.20
CA ARG A 326 -0.45 16.67 17.13
C ARG A 326 -0.55 18.03 17.80
N GLY A 327 -0.37 19.10 17.03
CA GLY A 327 -0.33 20.41 17.69
C GLY A 327 -0.24 21.65 16.85
N ASP A 328 0.94 22.28 16.77
CA ASP A 328 1.03 23.63 16.15
C ASP A 328 2.37 23.77 15.45
N LEU A 329 2.43 24.64 14.45
CA LEU A 329 3.65 24.72 13.59
C LEU A 329 4.82 25.23 14.42
N ILE A 330 4.57 26.08 15.42
CA ILE A 330 5.69 26.63 16.24
C ILE A 330 6.19 25.49 17.13
N LYS A 331 5.31 24.71 17.74
CA LYS A 331 5.74 23.55 18.58
C LYS A 331 6.55 22.57 17.76
N PHE A 332 6.27 22.45 16.47
CA PHE A 332 7.08 21.58 15.60
C PHE A 332 8.48 22.17 15.45
N TYR A 333 8.59 23.48 15.27
CA TYR A 333 9.91 24.09 15.00
C TYR A 333 10.74 23.87 16.24
N ASN A 334 10.14 24.03 17.41
CA ASN A 334 10.90 23.95 18.67
C ASN A 334 11.21 22.50 18.99
N THR A 335 10.19 21.64 19.04
CA THR A 335 10.43 20.22 19.43
C THR A 335 11.25 19.45 18.41
N ILE A 336 10.85 19.45 17.13
CA ILE A 336 11.52 18.56 16.13
C ILE A 336 12.48 19.29 15.17
N TYR A 337 12.10 20.42 14.61
CA TYR A 337 12.90 21.05 13.54
C TYR A 337 14.24 21.59 14.04
N VAL A 338 14.22 22.56 14.97
CA VAL A 338 15.49 23.21 15.40
C VAL A 338 16.58 22.14 15.57
N GLY A 339 16.27 21.04 16.24
CA GLY A 339 17.28 20.00 16.49
C GLY A 339 17.78 19.26 15.27
N ARG A 340 16.99 19.17 14.20
CA ARG A 340 17.39 18.36 13.02
C ARG A 340 18.06 19.25 11.96
N VAL A 341 17.92 20.57 12.07
CA VAL A 341 18.44 21.47 11.00
C VAL A 341 19.51 22.46 11.51
N LYS A 342 19.48 22.84 12.79
CA LYS A 342 20.41 23.89 13.32
C LYS A 342 21.86 23.71 12.86
N SER A 343 22.32 22.48 12.72
CA SER A 343 23.70 22.19 12.29
C SER A 343 23.99 22.89 10.97
N PHE A 344 23.17 22.65 9.94
CA PHE A 344 23.39 23.23 8.60
C PHE A 344 23.04 24.70 8.61
N ALA A 345 21.90 25.06 9.18
CA ALA A 345 21.42 26.46 9.14
C ALA A 345 22.45 27.41 9.71
N LEU A 346 23.14 27.04 10.79
CA LEU A 346 24.08 27.97 11.45
C LEU A 346 25.43 28.02 10.72
N LYS A 347 25.57 27.32 9.60
CA LYS A 347 26.80 27.46 8.78
C LYS A 347 26.65 28.74 7.98
N TYR A 348 25.50 29.40 8.10
CA TYR A 348 25.21 30.61 7.30
C TYR A 348 25.01 31.83 8.21
N ASP A 349 26.09 32.25 8.89
CA ASP A 349 26.04 33.46 9.75
C ASP A 349 27.13 34.44 9.29
N PRO A 360 29.46 28.47 2.37
CA PRO A 360 28.80 27.16 2.58
C PRO A 360 27.82 26.84 1.44
N PRO A 361 28.17 25.98 0.44
CA PRO A 361 27.63 26.12 -0.92
C PRO A 361 26.08 26.17 -0.97
N LEU A 362 25.49 26.64 -2.09
CA LEU A 362 24.01 26.81 -2.26
C LEU A 362 23.50 25.85 -3.35
N SER A 363 22.18 25.74 -3.49
CA SER A 363 21.47 24.88 -4.47
C SER A 363 20.78 25.78 -5.51
N PRO A 364 20.58 25.34 -6.77
CA PRO A 364 19.95 26.18 -7.79
C PRO A 364 18.40 26.21 -7.82
N PHE A 365 17.83 27.42 -7.66
CA PHE A 365 16.38 27.74 -7.80
C PHE A 365 15.95 27.53 -9.25
N PRO A 366 14.97 26.65 -9.55
CA PRO A 366 14.57 26.41 -10.93
C PRO A 366 13.77 27.57 -11.53
N HIS A 367 13.68 27.62 -12.87
CA HIS A 367 12.82 28.52 -13.70
C HIS A 367 13.69 29.53 -14.45
N ASP B 1 20.48 30.67 20.20
CA ASP B 1 19.16 30.03 20.41
C ASP B 1 18.23 30.41 19.25
N ILE B 2 18.09 29.55 18.24
CA ILE B 2 17.15 29.80 17.10
C ILE B 2 15.80 29.17 17.43
N TYR B 3 15.16 29.64 18.49
CA TYR B 3 13.85 29.11 18.93
C TYR B 3 12.83 30.23 18.80
N CYS B 4 11.57 29.89 18.59
CA CYS B 4 10.49 30.90 18.45
C CYS B 4 9.76 31.00 19.78
N TYR B 5 9.95 32.13 20.45
CA TYR B 5 9.31 32.33 21.78
C TYR B 5 7.91 32.89 21.56
N GLU B 6 7.52 33.02 20.31
CA GLU B 6 6.16 33.47 19.95
C GLU B 6 5.13 32.45 20.39
N GLU B 7 3.87 32.83 20.39
CA GLU B 7 2.78 31.97 20.87
C GLU B 7 1.60 32.14 19.94
N PHE B 8 1.46 31.26 18.96
CA PHE B 8 0.37 31.40 17.97
C PHE B 8 -0.93 31.60 18.71
N SER B 9 -1.75 32.56 18.28
CA SER B 9 -3.11 32.64 18.85
C SER B 9 -4.09 32.63 17.68
N ASP B 10 -4.25 33.77 17.01
CA ASP B 10 -5.21 33.88 15.89
C ASP B 10 -4.80 35.05 15.00
N GLU C 2 26.40 -22.44 25.85
CA GLU C 2 26.51 -21.07 26.39
C GLU C 2 25.54 -20.14 25.67
N PHE C 3 25.35 -20.27 24.35
CA PHE C 3 24.28 -19.59 23.56
C PHE C 3 23.03 -20.46 23.52
N THR C 4 21.88 -19.87 23.17
CA THR C 4 20.61 -20.63 23.02
C THR C 4 20.64 -21.35 21.65
N GLN C 5 19.81 -22.38 21.52
CA GLN C 5 19.91 -23.40 20.45
C GLN C 5 19.83 -22.70 19.11
N SER C 6 18.78 -21.92 18.93
CA SER C 6 18.49 -21.20 17.68
C SER C 6 19.64 -20.26 17.26
N VAL C 7 20.24 -19.54 18.18
CA VAL C 7 21.33 -18.59 17.84
C VAL C 7 22.54 -19.40 17.46
N SER C 8 22.79 -20.52 18.14
CA SER C 8 23.92 -21.42 17.81
C SER C 8 23.73 -21.95 16.40
N ARG C 9 22.52 -22.39 16.06
CA ARG C 9 22.20 -22.85 14.68
C ARG C 9 22.54 -21.77 13.66
N LEU C 10 22.11 -20.55 13.91
CA LEU C 10 22.42 -19.42 13.01
C LEU C 10 23.92 -19.36 12.78
N GLN C 11 24.72 -19.26 13.84
CA GLN C 11 26.20 -19.04 13.72
C GLN C 11 26.87 -20.21 13.01
N SER C 12 26.27 -21.39 13.07
CA SER C 12 26.77 -22.58 12.36
C SER C 12 26.41 -22.45 10.88
N ILE C 13 25.21 -21.94 10.57
CA ILE C 13 24.76 -21.76 9.17
C ILE C 13 25.58 -20.64 8.55
N VAL C 14 25.78 -19.53 9.26
CA VAL C 14 26.46 -18.32 8.69
C VAL C 14 27.97 -18.36 8.94
N ALA C 15 28.60 -19.51 8.75
CA ALA C 15 30.04 -19.66 9.06
C ALA C 15 30.92 -19.52 7.82
N GLY C 16 31.99 -18.74 7.93
CA GLY C 16 32.94 -18.61 6.80
C GLY C 16 32.25 -18.01 5.60
N LEU C 17 31.15 -17.32 5.84
CA LEU C 17 30.41 -16.62 4.75
C LEU C 17 30.55 -15.14 5.03
N LYS C 18 30.10 -14.31 4.10
CA LYS C 18 30.31 -12.87 4.28
C LYS C 18 29.03 -12.10 4.01
N ASN C 19 29.02 -10.82 4.37
CA ASN C 19 27.89 -9.91 4.08
C ASN C 19 28.00 -9.44 2.64
N ALA C 20 28.53 -10.28 1.75
CA ALA C 20 28.81 -9.87 0.37
C ALA C 20 28.56 -11.06 -0.56
N PRO C 21 28.28 -10.81 -1.87
CA PRO C 21 28.04 -11.93 -2.81
C PRO C 21 29.23 -12.89 -2.93
N SER C 22 28.95 -14.19 -3.01
CA SER C 22 30.00 -15.23 -3.14
C SER C 22 30.48 -15.30 -4.57
N ASP C 23 31.53 -16.07 -4.80
CA ASP C 23 32.16 -16.10 -6.13
C ASP C 23 31.28 -16.85 -7.12
N GLN C 24 30.56 -17.87 -6.66
CA GLN C 24 29.60 -18.62 -7.50
C GLN C 24 28.30 -17.84 -7.72
N LEU C 25 28.06 -16.74 -6.99
CA LEU C 25 26.87 -15.87 -7.20
C LEU C 25 27.30 -14.72 -8.09
N ILE C 26 28.52 -14.24 -7.97
CA ILE C 26 29.03 -13.21 -8.90
C ILE C 26 29.10 -13.83 -10.29
N ASN C 27 29.38 -15.12 -10.38
CA ASN C 27 29.40 -15.88 -11.65
C ASN C 27 27.96 -15.99 -12.19
N ILE C 28 26.98 -16.33 -11.36
CA ILE C 28 25.56 -16.32 -11.82
C ILE C 28 25.16 -14.89 -12.21
N PHE C 29 25.52 -13.87 -11.43
CA PHE C 29 25.05 -12.48 -11.65
C PHE C 29 25.59 -11.96 -13.01
N GLU C 30 26.86 -12.23 -13.30
CA GLU C 30 27.51 -11.71 -14.53
C GLU C 30 27.14 -12.59 -15.74
N SER C 31 26.49 -13.75 -15.56
CA SER C 31 25.81 -14.50 -16.65
C SER C 31 24.82 -13.55 -17.35
N CYS C 32 24.10 -12.79 -16.52
CA CYS C 32 22.88 -12.02 -16.87
C CYS C 32 23.21 -10.83 -17.78
N VAL C 33 22.52 -10.72 -18.93
CA VAL C 33 22.60 -9.52 -19.81
C VAL C 33 22.53 -8.29 -18.91
N ARG C 34 21.53 -8.23 -18.02
CA ARG C 34 21.26 -7.15 -17.02
C ARG C 34 21.68 -7.62 -15.60
N ASN C 35 22.99 -7.60 -15.33
CA ASN C 35 23.61 -7.95 -14.04
C ASN C 35 22.95 -7.18 -12.89
N PRO C 36 22.32 -7.86 -11.90
CA PRO C 36 21.47 -7.18 -10.92
C PRO C 36 22.19 -6.66 -9.67
N VAL C 37 23.49 -6.92 -9.58
CA VAL C 37 24.31 -6.83 -8.34
C VAL C 37 24.14 -5.46 -7.69
N GLU C 38 24.16 -4.39 -8.46
CA GLU C 38 24.20 -3.04 -7.87
C GLU C 38 22.77 -2.67 -7.43
N ASN C 39 21.73 -3.16 -8.07
CA ASN C 39 20.37 -2.88 -7.56
C ASN C 39 20.12 -3.78 -6.35
N ILE C 40 20.97 -4.79 -6.17
CA ILE C 40 20.86 -5.64 -4.96
C ILE C 40 21.70 -5.02 -3.83
N MET C 41 22.85 -4.40 -4.12
CA MET C 41 23.60 -3.73 -3.03
C MET C 41 22.84 -2.44 -2.64
N LYS C 42 22.11 -1.83 -3.54
CA LYS C 42 21.32 -0.62 -3.21
C LYS C 42 20.13 -0.98 -2.30
N ILE C 43 19.38 -2.02 -2.63
CA ILE C 43 18.20 -2.43 -1.84
C ILE C 43 18.61 -2.69 -0.41
N LEU C 44 19.66 -3.45 -0.18
CA LEU C 44 20.07 -3.84 1.17
C LEU C 44 20.52 -2.63 1.97
N LYS C 45 21.14 -1.66 1.32
CA LYS C 45 21.64 -0.45 2.01
C LYS C 45 20.47 0.43 2.43
N GLY C 46 19.30 0.19 1.92
CA GLY C 46 18.11 0.97 2.28
C GLY C 46 17.33 0.24 3.31
N ILE C 47 17.13 -1.05 3.13
CA ILE C 47 16.49 -1.88 4.17
C ILE C 47 17.36 -1.80 5.43
N GLY C 48 18.68 -1.78 5.27
CA GLY C 48 19.62 -1.66 6.39
C GLY C 48 19.56 -0.35 7.13
N GLU C 49 19.64 0.78 6.43
CA GLU C 49 19.58 2.12 7.05
C GLU C 49 18.21 2.29 7.70
N THR C 50 17.16 1.83 7.04
CA THR C 50 15.76 1.84 7.51
C THR C 50 15.63 1.00 8.78
N PHE C 51 15.98 -0.28 8.70
CA PHE C 51 15.92 -1.19 9.88
C PHE C 51 16.53 -0.46 11.07
N CYS C 52 17.73 0.06 10.87
CA CYS C 52 18.64 0.58 11.93
C CYS C 52 18.07 1.85 12.55
N GLN C 53 17.19 2.58 11.88
CA GLN C 53 16.57 3.79 12.49
C GLN C 53 15.32 3.39 13.29
N HIS C 54 14.60 2.37 12.89
CA HIS C 54 13.46 1.94 13.73
C HIS C 54 13.99 1.13 14.91
N TYR C 55 15.00 0.30 14.69
CA TYR C 55 15.68 -0.44 15.79
C TYR C 55 16.33 0.56 16.76
N THR C 56 16.82 1.71 16.30
CA THR C 56 17.43 2.69 17.22
C THR C 56 16.33 3.41 17.99
N GLN C 57 15.30 3.94 17.34
CA GLN C 57 14.52 5.04 17.95
C GLN C 57 13.19 4.54 18.52
N SER C 58 12.79 5.08 19.69
CA SER C 58 11.68 4.51 20.50
C SER C 58 10.23 4.94 20.24
N THR C 59 9.50 4.22 19.38
CA THR C 59 8.05 4.46 19.30
C THR C 59 7.58 4.11 20.69
N ASP C 60 6.72 4.92 21.30
CA ASP C 60 6.37 4.65 22.71
C ASP C 60 6.13 3.15 22.92
N GLU C 61 5.51 2.44 21.96
CA GLU C 61 5.12 1.00 22.15
C GLU C 61 6.29 0.06 21.89
N GLN C 62 7.48 0.57 21.60
CA GLN C 62 8.68 -0.29 21.46
C GLN C 62 9.91 0.56 21.81
N PRO C 63 10.52 0.35 23.00
CA PRO C 63 11.76 1.06 23.35
C PRO C 63 12.87 0.76 22.33
N GLY C 64 13.70 1.76 22.01
CA GLY C 64 14.73 1.61 20.98
C GLY C 64 16.06 1.19 21.51
N SER C 65 16.70 0.25 20.82
CA SER C 65 17.95 -0.35 21.34
C SER C 65 19.21 0.39 20.86
N HIS C 66 20.36 -0.26 20.93
CA HIS C 66 21.64 0.43 20.59
C HIS C 66 22.10 0.15 19.15
N ILE C 67 22.86 1.07 18.57
CA ILE C 67 23.33 0.98 17.17
C ILE C 67 24.34 -0.15 16.99
N ASP C 68 24.68 -0.88 18.05
CA ASP C 68 25.76 -1.88 17.94
C ASP C 68 25.12 -3.24 17.71
N PHE C 69 23.99 -3.47 18.34
CA PHE C 69 23.30 -4.77 18.22
C PHE C 69 22.49 -4.77 16.93
N ALA C 70 22.16 -3.59 16.42
CA ALA C 70 21.42 -3.46 15.17
C ALA C 70 22.32 -3.90 14.04
N VAL C 71 23.51 -3.33 14.01
CA VAL C 71 24.50 -3.67 12.98
C VAL C 71 24.84 -5.15 13.12
N ASN C 72 24.65 -5.72 14.31
CA ASN C 72 24.96 -7.14 14.59
C ASN C 72 23.89 -8.02 13.98
N ARG C 73 22.64 -7.59 14.08
CA ARG C 73 21.53 -8.36 13.48
C ARG C 73 21.59 -8.24 11.96
N LEU C 74 21.96 -7.08 11.43
CA LEU C 74 21.95 -6.85 9.97
C LEU C 74 23.08 -7.62 9.28
N LYS C 75 24.28 -7.60 9.83
CA LYS C 75 25.43 -8.31 9.22
C LYS C 75 25.04 -9.77 9.09
N LEU C 76 24.39 -10.32 10.11
CA LEU C 76 23.89 -11.72 10.05
C LEU C 76 22.81 -11.86 8.97
N ALA C 77 21.89 -10.90 8.88
CA ALA C 77 20.73 -10.97 7.97
C ALA C 77 21.23 -11.06 6.52
N GLU C 78 22.31 -10.36 6.22
CA GLU C 78 22.86 -10.29 4.86
C GLU C 78 23.67 -11.55 4.56
N ILE C 79 24.51 -11.99 5.47
CA ILE C 79 25.25 -13.27 5.28
C ILE C 79 24.25 -14.34 4.92
N LEU C 80 23.02 -14.20 5.42
CA LEU C 80 21.97 -15.23 5.25
C LEU C 80 21.18 -14.94 3.98
N TYR C 81 21.19 -13.70 3.52
CA TYR C 81 20.52 -13.37 2.25
C TYR C 81 21.35 -13.90 1.12
N TYR C 82 22.60 -13.47 1.08
CA TYR C 82 23.54 -13.88 0.02
C TYR C 82 23.67 -15.41 0.02
N LYS C 83 23.62 -16.08 1.17
CA LYS C 83 23.80 -17.55 1.26
C LYS C 83 22.59 -18.28 0.71
N ILE C 84 21.43 -17.69 0.85
CA ILE C 84 20.18 -18.35 0.39
C ILE C 84 19.97 -17.91 -1.05
N LEU C 85 20.05 -16.63 -1.36
CA LEU C 85 19.93 -16.19 -2.77
C LEU C 85 20.86 -17.04 -3.62
N GLU C 86 21.99 -17.43 -3.07
CA GLU C 86 22.88 -18.34 -3.85
C GLU C 86 22.17 -19.68 -3.98
N THR C 87 21.87 -20.38 -2.89
CA THR C 87 21.12 -21.67 -2.88
C THR C 87 19.88 -21.62 -3.79
N VAL C 88 19.24 -20.46 -3.93
CA VAL C 88 17.96 -20.30 -4.66
C VAL C 88 18.29 -20.16 -6.13
N MET C 89 19.10 -19.16 -6.48
CA MET C 89 19.57 -18.84 -7.86
C MET C 89 20.33 -20.02 -8.47
N VAL C 90 20.98 -20.84 -7.66
CA VAL C 90 21.76 -22.01 -8.17
C VAL C 90 20.76 -23.08 -8.60
N GLN C 91 19.76 -23.41 -7.77
CA GLN C 91 18.83 -24.57 -7.98
C GLN C 91 17.70 -24.23 -8.97
N GLU C 92 17.45 -22.95 -9.25
CA GLU C 92 16.50 -22.45 -10.28
C GLU C 92 16.63 -23.23 -11.59
N THR C 93 15.53 -23.72 -12.16
CA THR C 93 15.60 -24.57 -13.38
C THR C 93 16.16 -23.74 -14.53
N ARG C 94 15.89 -22.44 -14.60
CA ARG C 94 16.43 -21.52 -15.63
C ARG C 94 17.98 -21.41 -15.59
N ARG C 95 18.60 -21.67 -14.46
CA ARG C 95 20.07 -21.75 -14.36
C ARG C 95 20.45 -23.12 -14.94
N LEU C 96 19.68 -24.14 -14.51
CA LEU C 96 19.84 -25.60 -14.84
C LEU C 96 19.72 -25.87 -16.34
N HIS C 97 18.91 -25.12 -17.09
CA HIS C 97 18.92 -25.13 -18.58
C HIS C 97 19.64 -23.85 -19.07
N GLY C 98 20.65 -23.39 -18.36
CA GLY C 98 21.62 -22.40 -18.88
C GLY C 98 21.00 -21.15 -19.48
N MET C 99 19.80 -20.73 -19.02
CA MET C 99 19.04 -19.54 -19.53
C MET C 99 19.40 -18.25 -18.77
N ASP C 100 19.31 -17.10 -19.44
CA ASP C 100 19.53 -15.76 -18.86
C ASP C 100 18.45 -15.50 -17.80
N MET C 101 18.89 -15.27 -16.55
CA MET C 101 18.08 -15.06 -15.33
C MET C 101 18.08 -13.59 -14.93
N SER C 102 18.17 -12.70 -15.93
CA SER C 102 18.03 -11.24 -15.72
C SER C 102 16.65 -10.96 -15.08
N VAL C 103 15.56 -11.27 -15.75
CA VAL C 103 14.17 -10.95 -15.27
C VAL C 103 13.92 -11.53 -13.85
N LEU C 104 14.41 -12.73 -13.53
CA LEU C 104 14.29 -13.30 -12.16
C LEU C 104 14.88 -12.34 -11.12
N LEU C 105 16.12 -11.92 -11.32
CA LEU C 105 17.01 -11.32 -10.27
C LEU C 105 16.86 -9.81 -10.27
N GLU C 106 15.85 -9.28 -10.96
CA GLU C 106 15.56 -7.82 -10.94
C GLU C 106 14.19 -7.57 -10.30
N GLN C 107 13.52 -8.62 -9.82
CA GLN C 107 12.27 -8.54 -9.02
C GLN C 107 12.59 -7.97 -7.62
N ASP C 108 12.38 -6.65 -7.47
CA ASP C 108 12.59 -5.87 -6.22
C ASP C 108 11.80 -6.53 -5.08
N ILE C 109 10.54 -6.93 -5.31
CA ILE C 109 9.64 -7.48 -4.26
C ILE C 109 10.22 -8.78 -3.66
N PHE C 110 10.90 -9.61 -4.45
CA PHE C 110 11.58 -10.87 -4.02
C PHE C 110 12.73 -10.57 -3.04
N HIS C 111 13.67 -9.72 -3.50
CA HIS C 111 14.93 -9.27 -2.83
C HIS C 111 14.62 -8.52 -1.52
N ARG C 112 13.68 -7.56 -1.56
CA ARG C 112 13.23 -6.76 -0.39
C ARG C 112 12.72 -7.70 0.68
N SER C 113 11.89 -8.68 0.31
CA SER C 113 11.22 -9.60 1.27
C SER C 113 12.17 -10.71 1.68
N LEU C 114 12.95 -11.28 0.78
CA LEU C 114 13.96 -12.29 1.21
C LEU C 114 14.69 -11.72 2.43
N MET C 115 15.11 -10.45 2.33
CA MET C 115 15.93 -9.72 3.32
C MET C 115 15.13 -9.42 4.60
N ALA C 116 13.83 -9.13 4.45
CA ALA C 116 12.82 -9.12 5.54
C ALA C 116 12.73 -10.50 6.20
N CYS C 117 12.70 -11.55 5.38
CA CYS C 117 12.54 -12.94 5.87
C CYS C 117 13.77 -13.38 6.66
N CYS C 118 14.94 -12.82 6.40
CA CYS C 118 16.18 -13.26 7.07
C CYS C 118 16.43 -12.44 8.34
N LEU C 119 15.67 -11.37 8.55
CA LEU C 119 15.79 -10.52 9.76
C LEU C 119 14.80 -11.01 10.80
N GLU C 120 13.65 -11.52 10.39
CA GLU C 120 12.67 -12.15 11.32
C GLU C 120 13.16 -13.54 11.72
N ILE C 121 14.22 -14.03 11.11
CA ILE C 121 14.86 -15.31 11.51
C ILE C 121 15.81 -15.00 12.66
N VAL C 122 16.73 -14.08 12.46
CA VAL C 122 17.66 -13.64 13.52
C VAL C 122 16.84 -13.17 14.71
N LEU C 123 15.81 -12.38 14.50
CA LEU C 123 15.02 -11.75 15.61
C LEU C 123 14.27 -12.78 16.45
N PHE C 124 13.85 -13.90 15.88
CA PHE C 124 13.22 -14.97 16.69
C PHE C 124 14.28 -15.77 17.41
N ALA C 125 15.39 -16.04 16.73
CA ALA C 125 16.50 -16.80 17.32
C ALA C 125 17.01 -16.07 18.55
N TYR C 126 17.05 -14.75 18.51
CA TYR C 126 17.46 -13.97 19.69
C TYR C 126 16.23 -13.62 20.52
N SER C 127 15.08 -14.20 20.23
CA SER C 127 13.81 -13.90 20.93
C SER C 127 13.67 -12.39 21.10
N SER C 128 13.32 -11.68 20.03
CA SER C 128 13.26 -10.21 20.03
C SER C 128 11.92 -9.68 20.49
N PRO C 129 11.91 -8.52 21.17
CA PRO C 129 10.68 -7.88 21.49
C PRO C 129 9.94 -7.51 20.22
N ARG C 130 10.69 -7.05 19.20
CA ARG C 130 10.15 -6.64 17.89
C ARG C 130 9.53 -7.88 17.28
N THR C 131 8.23 -8.07 17.50
CA THR C 131 7.53 -9.28 17.03
C THR C 131 6.74 -8.99 15.76
N PHE C 132 6.64 -9.97 14.87
CA PHE C 132 5.90 -9.86 13.60
C PHE C 132 4.49 -9.37 13.82
N PRO C 133 3.90 -8.51 12.94
CA PRO C 133 4.58 -7.98 11.72
C PRO C 133 5.42 -6.71 11.74
N TRP C 134 6.37 -6.54 12.66
CA TRP C 134 7.17 -5.30 12.84
C TRP C 134 8.16 -5.12 11.70
N ILE C 135 8.84 -6.19 11.30
CA ILE C 135 9.88 -6.02 10.26
C ILE C 135 9.25 -5.70 8.91
N ILE C 136 8.03 -6.18 8.60
CA ILE C 136 7.37 -5.90 7.28
C ILE C 136 6.60 -4.59 7.40
N GLU C 137 6.32 -4.07 8.61
CA GLU C 137 5.72 -2.72 8.86
C GLU C 137 6.81 -1.63 8.66
N VAL C 138 7.84 -1.63 9.50
CA VAL C 138 9.06 -0.79 9.38
C VAL C 138 9.50 -0.71 7.90
N LEU C 139 9.47 -1.83 7.16
CA LEU C 139 10.07 -1.90 5.80
C LEU C 139 9.05 -1.80 4.68
N ASN C 140 7.87 -1.27 4.96
CA ASN C 140 6.83 -1.05 3.93
C ASN C 140 6.80 -2.25 2.99
N LEU C 141 6.51 -3.43 3.53
CA LEU C 141 6.34 -4.64 2.71
C LEU C 141 4.91 -5.08 2.89
N GLN C 142 4.26 -5.46 1.79
CA GLN C 142 2.84 -5.84 1.84
C GLN C 142 2.69 -7.30 2.23
N PRO C 143 1.99 -7.61 3.33
CA PRO C 143 1.77 -9.01 3.68
C PRO C 143 1.43 -9.88 2.46
N PHE C 144 0.54 -9.41 1.57
CA PHE C 144 0.08 -10.21 0.41
C PHE C 144 1.25 -10.60 -0.50
N TYR C 145 2.34 -9.79 -0.53
CA TYR C 145 3.51 -10.02 -1.45
C TYR C 145 4.61 -10.74 -0.69
N PHE C 146 5.07 -10.22 0.45
CA PHE C 146 6.02 -10.93 1.36
C PHE C 146 5.75 -12.44 1.44
N TYR C 147 4.53 -12.89 1.85
CA TYR C 147 4.21 -14.27 2.33
C TYR C 147 4.80 -15.33 1.37
N LYS C 148 4.95 -15.04 0.07
CA LYS C 148 5.40 -16.02 -0.96
C LYS C 148 6.87 -16.46 -0.76
N VAL C 149 7.72 -15.60 -0.15
CA VAL C 149 9.19 -15.79 0.07
C VAL C 149 9.43 -16.85 1.15
N ILE C 150 8.39 -17.23 1.91
CA ILE C 150 8.47 -18.04 3.16
C ILE C 150 8.51 -19.52 2.76
N GLU C 151 7.61 -19.93 1.85
CA GLU C 151 7.58 -21.30 1.27
C GLU C 151 8.93 -21.59 0.62
N VAL C 152 9.66 -20.55 0.24
CA VAL C 152 10.94 -20.62 -0.53
C VAL C 152 12.09 -20.71 0.45
N VAL C 153 12.15 -19.80 1.40
CA VAL C 153 13.25 -19.79 2.39
C VAL C 153 13.34 -21.19 3.03
N ILE C 154 12.21 -21.81 3.35
CA ILE C 154 12.13 -23.17 3.95
C ILE C 154 12.81 -24.18 3.03
N ARG C 155 12.45 -24.20 1.76
CA ARG C 155 12.97 -25.22 0.81
C ARG C 155 14.38 -24.85 0.34
N SER C 156 14.87 -23.66 0.68
CA SER C 156 16.18 -23.19 0.16
C SER C 156 17.17 -22.97 1.31
N GLU C 157 16.93 -23.62 2.45
CA GLU C 157 17.86 -23.61 3.61
C GLU C 157 17.43 -24.74 4.52
N GLU C 158 18.16 -25.84 4.50
CA GLU C 158 17.79 -27.03 5.31
C GLU C 158 18.49 -26.96 6.66
N GLY C 159 19.45 -26.05 6.81
CA GLY C 159 20.09 -25.82 8.12
C GLY C 159 19.14 -25.15 9.11
N LEU C 160 17.90 -24.84 8.71
CA LEU C 160 16.86 -24.17 9.54
C LEU C 160 16.27 -25.18 10.55
N SER C 161 16.37 -24.84 11.85
CA SER C 161 15.84 -25.60 13.03
C SER C 161 14.34 -25.90 12.84
N ARG C 162 13.82 -27.00 13.40
CA ARG C 162 12.37 -27.38 13.40
C ARG C 162 11.55 -26.22 14.00
N ASP C 163 12.07 -25.48 14.99
CA ASP C 163 11.38 -24.32 15.64
C ASP C 163 11.51 -23.01 14.83
N MET C 164 12.49 -22.88 13.89
CA MET C 164 12.68 -21.68 13.00
C MET C 164 11.65 -21.71 11.87
N VAL C 165 11.46 -22.90 11.27
CA VAL C 165 10.50 -23.21 10.18
C VAL C 165 9.10 -23.05 10.77
N LYS C 166 8.91 -23.66 11.94
CA LYS C 166 7.60 -23.73 12.63
C LYS C 166 7.17 -22.32 13.00
N HIS C 167 8.12 -21.39 13.18
CA HIS C 167 7.85 -19.94 13.41
C HIS C 167 7.46 -19.25 12.10
N LEU C 168 8.14 -19.58 10.98
CA LEU C 168 7.85 -19.01 9.63
C LEU C 168 6.46 -19.46 9.20
N ASN C 169 6.21 -20.77 9.16
CA ASN C 169 4.88 -21.38 8.88
C ASN C 169 3.78 -20.75 9.71
N SER C 170 4.09 -20.16 10.86
CA SER C 170 3.15 -19.52 11.81
C SER C 170 2.81 -18.10 11.34
N ILE C 171 3.83 -17.32 10.98
CA ILE C 171 3.61 -15.94 10.45
C ILE C 171 3.08 -16.06 9.01
N GLU C 172 3.17 -17.24 8.38
CA GLU C 172 2.46 -17.53 7.09
C GLU C 172 0.96 -17.55 7.42
N GLU C 173 0.55 -18.34 8.42
CA GLU C 173 -0.86 -18.41 8.87
C GLU C 173 -1.33 -17.04 9.41
N GLN C 174 -0.46 -16.22 10.02
CA GLN C 174 -0.77 -14.81 10.40
C GLN C 174 -1.34 -14.05 9.19
N ILE C 175 -0.63 -14.13 8.06
CA ILE C 175 -0.86 -13.26 6.86
C ILE C 175 -2.06 -13.83 6.07
N LEU C 176 -2.31 -15.11 6.14
CA LEU C 176 -3.48 -15.73 5.45
C LEU C 176 -4.77 -15.52 6.27
N GLU C 177 -4.69 -15.46 7.61
CA GLU C 177 -5.86 -15.37 8.54
C GLU C 177 -6.27 -13.92 8.81
N SER C 178 -5.40 -12.97 8.52
CA SER C 178 -5.66 -11.53 8.66
C SER C 178 -4.54 -10.88 7.88
N LEU C 179 -4.21 -9.63 8.13
CA LEU C 179 -3.01 -8.98 7.53
C LEU C 179 -3.14 -8.74 6.02
N ALA C 180 -3.53 -9.75 5.23
CA ALA C 180 -3.68 -9.60 3.78
C ALA C 180 -5.10 -9.17 3.46
N TRP C 181 -5.98 -9.25 4.44
CA TRP C 181 -7.39 -8.84 4.24
C TRP C 181 -7.54 -7.45 4.81
N SER C 182 -6.45 -6.68 4.86
CA SER C 182 -6.49 -5.29 5.35
C SER C 182 -7.04 -4.43 4.25
N HIS C 183 -7.66 -3.31 4.60
CA HIS C 183 -8.17 -2.35 3.59
C HIS C 183 -6.99 -1.84 2.78
N ASP C 184 -5.79 -1.90 3.33
CA ASP C 184 -4.60 -1.33 2.67
C ASP C 184 -3.84 -2.40 1.92
N SER C 185 -4.47 -3.52 1.61
CA SER C 185 -3.75 -4.65 0.98
C SER C 185 -3.87 -4.66 -0.55
N ALA C 186 -2.94 -5.34 -1.19
CA ALA C 186 -2.95 -5.51 -2.65
C ALA C 186 -3.80 -6.71 -2.97
N LEU C 187 -4.35 -7.37 -1.96
CA LEU C 187 -5.27 -8.48 -2.22
C LEU C 187 -6.43 -7.90 -2.98
N TRP C 188 -6.88 -6.73 -2.55
CA TRP C 188 -8.07 -6.09 -3.15
C TRP C 188 -7.74 -5.55 -4.52
N GLU C 189 -6.59 -4.91 -4.66
CA GLU C 189 -6.11 -4.40 -5.95
C GLU C 189 -6.10 -5.51 -6.97
N ALA C 190 -5.71 -6.73 -6.58
CA ALA C 190 -5.59 -7.89 -7.47
C ALA C 190 -6.93 -8.51 -7.81
N LEU C 191 -7.89 -8.41 -6.90
CA LEU C 191 -9.26 -8.87 -7.18
C LEU C 191 -9.88 -7.92 -8.20
N GLN C 192 -9.68 -6.62 -8.08
CA GLN C 192 -10.23 -5.62 -9.02
C GLN C 192 -9.79 -5.94 -10.44
N VAL C 193 -8.50 -6.18 -10.66
CA VAL C 193 -7.95 -6.42 -12.02
C VAL C 193 -8.43 -7.78 -12.54
N SER C 194 -9.19 -8.50 -11.75
CA SER C 194 -9.76 -9.80 -12.13
C SER C 194 -11.29 -9.72 -12.05
N ALA C 195 -11.86 -8.52 -12.17
CA ALA C 195 -13.31 -8.27 -12.16
C ALA C 195 -13.91 -8.53 -10.79
N ASN C 196 -13.12 -8.39 -9.73
CA ASN C 196 -13.55 -8.69 -8.35
C ASN C 196 -14.05 -10.14 -8.32
N LYS C 197 -13.52 -11.03 -9.18
CA LYS C 197 -13.93 -12.47 -9.27
C LYS C 197 -13.07 -13.30 -8.35
N VAL C 198 -13.65 -13.84 -7.30
CA VAL C 198 -12.87 -14.52 -6.23
C VAL C 198 -12.68 -15.97 -6.62
N PRO C 199 -11.44 -16.47 -6.59
CA PRO C 199 -11.19 -17.87 -6.90
C PRO C 199 -11.93 -18.82 -5.96
N THR C 200 -12.34 -19.99 -6.47
CA THR C 200 -13.12 -20.99 -5.71
C THR C 200 -12.25 -22.21 -5.46
N CYS C 201 -12.44 -22.91 -4.34
CA CYS C 201 -11.57 -24.06 -3.97
C CYS C 201 -11.34 -24.99 -5.15
N GLU C 202 -12.40 -25.45 -5.80
CA GLU C 202 -12.23 -26.29 -7.01
C GLU C 202 -11.26 -25.62 -7.99
N GLU C 203 -11.50 -24.39 -8.40
CA GLU C 203 -10.67 -23.73 -9.44
C GLU C 203 -9.21 -23.59 -9.02
N VAL C 204 -8.91 -23.33 -7.75
CA VAL C 204 -7.51 -23.06 -7.31
C VAL C 204 -6.78 -24.36 -6.98
N ILE C 205 -7.41 -25.25 -6.22
CA ILE C 205 -6.78 -26.55 -5.84
C ILE C 205 -6.75 -27.49 -7.05
N PHE C 206 -7.82 -27.51 -7.87
CA PHE C 206 -7.93 -28.43 -9.05
C PHE C 206 -7.82 -27.63 -10.34
N ARG C 219 -7.28 -19.85 -11.69
CA ARG C 219 -6.36 -20.92 -12.17
C ARG C 219 -4.98 -20.78 -11.52
N THR C 220 -4.12 -19.91 -12.09
CA THR C 220 -2.78 -19.66 -11.51
C THR C 220 -2.57 -18.17 -11.25
N GLY C 221 -1.61 -17.83 -10.39
CA GLY C 221 -1.28 -16.42 -10.14
C GLY C 221 -1.17 -16.04 -8.69
N SER C 222 -1.07 -14.74 -8.42
CA SER C 222 -0.99 -14.21 -7.05
C SER C 222 -2.29 -14.48 -6.32
N LEU C 223 -3.40 -14.35 -7.03
CA LEU C 223 -4.71 -14.47 -6.36
C LEU C 223 -5.03 -15.93 -6.14
N ALA C 224 -4.72 -16.78 -7.10
CA ALA C 224 -5.06 -18.22 -7.03
C ALA C 224 -4.22 -18.95 -6.00
N LEU C 225 -2.91 -18.71 -5.96
CA LEU C 225 -2.02 -19.34 -4.96
C LEU C 225 -2.32 -18.83 -3.55
N PHE C 226 -2.88 -17.63 -3.38
CA PHE C 226 -3.20 -17.05 -2.04
C PHE C 226 -4.46 -17.70 -1.52
N TYR C 227 -5.47 -17.82 -2.37
CA TYR C 227 -6.73 -18.47 -1.96
C TYR C 227 -6.50 -19.98 -1.85
N ARG C 228 -5.54 -20.52 -2.60
CA ARG C 228 -5.20 -21.95 -2.49
C ARG C 228 -4.70 -22.28 -1.10
N LYS C 229 -3.81 -21.46 -0.56
CA LYS C 229 -3.30 -21.66 0.80
C LYS C 229 -4.33 -21.29 1.84
N VAL C 230 -5.29 -20.42 1.53
CA VAL C 230 -6.28 -19.89 2.52
C VAL C 230 -7.36 -20.94 2.68
N TYR C 231 -7.65 -21.67 1.62
CA TYR C 231 -8.66 -22.75 1.69
C TYR C 231 -8.01 -23.93 2.41
N HIS C 232 -6.71 -24.17 2.23
CA HIS C 232 -5.98 -25.24 2.95
C HIS C 232 -5.88 -24.95 4.45
N LEU C 233 -5.72 -23.70 4.84
CA LEU C 233 -5.64 -23.31 6.27
C LEU C 233 -6.96 -23.56 6.98
N ALA C 234 -8.05 -23.12 6.40
CA ALA C 234 -9.38 -23.27 7.05
C ALA C 234 -9.91 -24.69 6.90
N SER C 235 -9.39 -25.45 5.95
CA SER C 235 -9.77 -26.88 5.83
C SER C 235 -9.23 -27.63 7.06
N VAL C 236 -7.95 -27.46 7.37
CA VAL C 236 -7.36 -28.09 8.57
C VAL C 236 -8.13 -27.60 9.78
N ARG C 237 -8.24 -26.29 9.94
CA ARG C 237 -8.90 -25.69 11.13
C ARG C 237 -10.34 -26.19 11.30
N LEU C 238 -11.07 -26.50 10.23
CA LEU C 238 -12.51 -26.93 10.34
C LEU C 238 -12.60 -28.40 10.75
N ARG C 239 -11.80 -29.27 10.14
CA ARG C 239 -11.75 -30.68 10.54
C ARG C 239 -11.46 -30.75 12.03
N ASP C 240 -10.43 -30.03 12.48
CA ASP C 240 -10.04 -30.02 13.92
C ASP C 240 -11.24 -29.66 14.79
N LEU C 241 -12.07 -28.73 14.32
CA LEU C 241 -13.25 -28.28 15.12
C LEU C 241 -14.38 -29.30 15.16
N CYS C 242 -14.63 -29.96 14.03
CA CYS C 242 -15.66 -31.01 13.95
C CYS C 242 -15.16 -32.20 14.76
N LEU C 243 -13.85 -32.34 14.84
CA LEU C 243 -13.24 -33.42 15.66
C LEU C 243 -13.30 -33.01 17.14
N LYS C 244 -13.12 -31.72 17.42
CA LYS C 244 -13.21 -31.20 18.82
C LYS C 244 -14.67 -31.19 19.22
N LEU C 245 -15.56 -30.74 18.34
CA LEU C 245 -17.02 -30.89 18.60
C LEU C 245 -17.33 -32.30 18.11
N ASP C 246 -18.57 -32.64 17.81
CA ASP C 246 -18.74 -34.02 17.31
C ASP C 246 -19.79 -33.98 16.22
N VAL C 247 -19.39 -33.54 15.03
CA VAL C 247 -20.40 -33.33 13.95
C VAL C 247 -20.18 -34.29 12.79
N SER C 248 -21.18 -34.37 11.92
CA SER C 248 -21.16 -35.32 10.79
C SER C 248 -20.13 -34.93 9.74
N ASN C 249 -19.47 -35.89 9.12
CA ASN C 249 -18.56 -35.53 7.99
C ASN C 249 -19.45 -35.08 6.84
N GLU C 250 -20.77 -35.03 7.06
CA GLU C 250 -21.72 -34.56 6.03
C GLU C 250 -22.28 -33.20 6.43
N LEU C 251 -21.69 -32.57 7.45
CA LEU C 251 -22.09 -31.21 7.83
C LEU C 251 -20.84 -30.36 7.70
N ARG C 252 -19.68 -31.01 7.73
CA ARG C 252 -18.39 -30.29 7.56
C ARG C 252 -18.35 -29.75 6.15
N ARG C 253 -18.99 -30.44 5.21
CA ARG C 253 -19.03 -30.00 3.79
C ARG C 253 -20.01 -28.84 3.67
N LYS C 254 -21.12 -28.87 4.41
CA LYS C 254 -22.13 -27.79 4.40
C LYS C 254 -21.58 -26.50 5.02
N ILE C 255 -20.76 -26.60 6.06
CA ILE C 255 -20.10 -25.42 6.68
C ILE C 255 -19.08 -24.88 5.70
N TRP C 256 -18.37 -25.76 4.99
CA TRP C 256 -17.35 -25.36 3.99
C TRP C 256 -17.99 -24.67 2.79
N THR C 257 -19.23 -25.03 2.43
CA THR C 257 -19.98 -24.36 1.34
C THR C 257 -20.48 -22.99 1.80
N CYS C 258 -20.83 -22.84 3.08
CA CYS C 258 -21.23 -21.52 3.61
C CYS C 258 -19.99 -20.62 3.70
N PHE C 259 -18.81 -21.21 3.86
CA PHE C 259 -17.56 -20.43 3.91
C PHE C 259 -17.26 -19.88 2.53
N GLU C 260 -17.23 -20.74 1.53
CA GLU C 260 -16.92 -20.32 0.16
C GLU C 260 -17.90 -19.21 -0.22
N PHE C 261 -19.15 -19.33 0.21
CA PHE C 261 -20.17 -18.33 -0.17
C PHE C 261 -19.74 -16.99 0.42
N THR C 262 -19.21 -17.01 1.63
CA THR C 262 -18.84 -15.77 2.32
C THR C 262 -17.48 -15.27 1.83
N LEU C 263 -16.81 -15.95 0.91
CA LEU C 263 -15.46 -15.55 0.45
C LEU C 263 -15.53 -15.22 -1.02
N VAL C 264 -16.46 -15.85 -1.73
CA VAL C 264 -16.63 -15.64 -3.19
C VAL C 264 -17.76 -14.63 -3.41
N HIS C 265 -18.80 -14.67 -2.59
CA HIS C 265 -19.99 -13.81 -2.81
C HIS C 265 -20.11 -12.73 -1.75
N CYS C 266 -19.52 -12.92 -0.57
CA CYS C 266 -19.48 -11.88 0.47
C CYS C 266 -18.01 -11.63 0.83
N PRO C 267 -17.13 -11.27 -0.11
CA PRO C 267 -15.70 -11.14 0.17
C PRO C 267 -15.35 -9.87 0.93
N ASP C 268 -16.30 -8.96 1.08
CA ASP C 268 -16.07 -7.64 1.71
C ASP C 268 -16.12 -7.78 3.21
N LEU C 269 -16.57 -8.92 3.71
CA LEU C 269 -16.75 -9.12 5.16
C LEU C 269 -15.39 -9.30 5.78
N MET C 270 -14.45 -9.84 5.01
CA MET C 270 -13.13 -10.17 5.59
C MET C 270 -12.23 -8.95 5.61
N LYS C 271 -12.67 -7.83 5.05
CA LYS C 271 -11.88 -6.58 5.06
C LYS C 271 -11.74 -6.08 6.48
N ASP C 272 -10.53 -6.16 7.03
CA ASP C 272 -10.22 -5.72 8.42
C ASP C 272 -10.43 -6.78 9.51
N ARG C 273 -10.62 -8.03 9.14
CA ARG C 273 -11.23 -9.10 9.99
C ARG C 273 -10.34 -10.35 10.02
N HIS C 274 -10.85 -11.46 10.56
CA HIS C 274 -10.04 -12.70 10.77
C HIS C 274 -10.73 -13.92 10.15
N LEU C 275 -9.95 -14.77 9.48
CA LEU C 275 -10.51 -15.92 8.74
C LEU C 275 -11.23 -16.89 9.65
N ASP C 276 -11.00 -16.81 10.96
CA ASP C 276 -11.64 -17.77 11.90
C ASP C 276 -13.03 -17.25 12.28
N GLN C 277 -13.16 -15.95 12.50
CA GLN C 277 -14.47 -15.29 12.72
C GLN C 277 -15.49 -15.84 11.71
N LEU C 278 -15.15 -15.85 10.40
CA LEU C 278 -16.09 -16.22 9.30
C LEU C 278 -16.34 -17.73 9.33
N LEU C 279 -15.31 -18.49 9.68
CA LEU C 279 -15.42 -19.95 9.82
C LEU C 279 -16.35 -20.29 10.99
N LEU C 280 -16.15 -19.66 12.15
CA LEU C 280 -16.94 -19.90 13.38
C LEU C 280 -18.41 -19.51 13.16
N CYS C 281 -18.66 -18.40 12.48
CA CYS C 281 -20.03 -18.00 12.12
C CYS C 281 -20.61 -19.02 11.12
N ALA C 282 -19.78 -19.70 10.32
CA ALA C 282 -20.25 -20.68 9.32
C ALA C 282 -20.56 -22.02 10.01
N PHE C 283 -19.75 -22.43 10.99
CA PHE C 283 -20.08 -23.62 11.80
C PHE C 283 -21.47 -23.43 12.37
N TYR C 284 -21.69 -22.32 13.09
CA TYR C 284 -22.93 -22.04 13.84
C TYR C 284 -24.15 -22.07 12.90
N ILE C 285 -24.28 -21.11 11.99
CA ILE C 285 -25.51 -20.97 11.16
C ILE C 285 -25.92 -22.33 10.59
N MET C 286 -24.96 -23.12 10.11
CA MET C 286 -25.20 -24.38 9.36
C MET C 286 -25.49 -25.54 10.32
N ALA C 287 -25.13 -25.36 11.59
CA ALA C 287 -25.56 -26.22 12.72
C ALA C 287 -27.06 -26.01 12.93
N LYS C 288 -27.49 -24.77 13.20
CA LYS C 288 -28.91 -24.40 13.42
C LYS C 288 -29.79 -24.93 12.28
N VAL C 289 -29.50 -24.52 11.05
CA VAL C 289 -30.39 -24.86 9.91
C VAL C 289 -30.52 -26.36 9.76
N THR C 290 -29.62 -27.13 10.38
CA THR C 290 -29.65 -28.60 10.17
C THR C 290 -29.96 -29.34 11.47
N LYS C 291 -30.04 -30.66 11.39
CA LYS C 291 -30.30 -31.49 12.59
C LYS C 291 -28.99 -31.75 13.35
N GLU C 292 -28.22 -30.70 13.65
CA GLU C 292 -26.96 -30.87 14.43
C GLU C 292 -26.63 -29.52 15.05
N GLU C 293 -27.19 -29.21 16.22
CA GLU C 293 -27.01 -27.86 16.80
C GLU C 293 -25.98 -27.82 17.93
N ARG C 294 -24.92 -27.03 17.74
CA ARG C 294 -23.89 -26.73 18.76
C ARG C 294 -23.86 -25.22 18.98
N THR C 295 -24.06 -24.75 20.19
CA THR C 295 -24.14 -23.30 20.47
C THR C 295 -22.76 -22.67 20.35
N PHE C 296 -22.66 -21.35 20.59
CA PHE C 296 -21.43 -20.52 20.40
C PHE C 296 -20.35 -20.90 21.42
N GLN C 297 -20.67 -21.10 22.69
CA GLN C 297 -19.66 -21.42 23.74
C GLN C 297 -19.06 -22.82 23.51
N GLU C 298 -19.88 -23.75 23.03
CA GLU C 298 -19.45 -25.12 22.63
C GLU C 298 -18.38 -24.97 21.56
N ILE C 299 -18.54 -23.96 20.71
CA ILE C 299 -17.64 -23.65 19.56
C ILE C 299 -16.44 -22.80 20.02
N MET C 300 -16.65 -21.66 20.71
CA MET C 300 -15.55 -20.78 21.26
C MET C 300 -14.57 -21.63 22.09
N LYS C 301 -15.06 -22.58 22.91
CA LYS C 301 -14.24 -23.39 23.84
C LYS C 301 -13.44 -24.41 23.04
N SER C 302 -14.10 -25.12 22.13
CA SER C 302 -13.47 -26.05 21.17
C SER C 302 -12.35 -25.33 20.43
N TYR C 303 -12.60 -24.07 20.06
CA TYR C 303 -11.74 -23.18 19.24
C TYR C 303 -10.58 -22.72 20.12
N ARG C 304 -10.86 -22.37 21.38
CA ARG C 304 -9.85 -21.93 22.37
C ARG C 304 -8.69 -22.93 22.41
N ASN C 305 -8.92 -24.17 22.00
CA ASN C 305 -7.89 -25.25 22.00
C ASN C 305 -6.76 -24.96 21.00
N GLN C 306 -7.14 -24.48 19.80
CA GLN C 306 -6.29 -24.39 18.58
C GLN C 306 -5.07 -23.50 18.80
N PRO C 307 -3.90 -23.89 18.21
CA PRO C 307 -2.64 -23.18 18.46
C PRO C 307 -2.69 -21.67 18.18
N GLN C 308 -3.69 -21.20 17.43
CA GLN C 308 -3.71 -19.81 16.88
C GLN C 308 -4.81 -18.99 17.57
N ALA C 309 -5.60 -19.62 18.45
CA ALA C 309 -6.81 -18.98 19.04
C ALA C 309 -6.35 -18.00 20.12
N ASN C 310 -7.06 -16.90 20.26
CA ASN C 310 -6.80 -15.87 21.30
C ASN C 310 -8.13 -15.22 21.66
N SER C 311 -8.26 -14.64 22.85
CA SER C 311 -9.57 -14.11 23.25
C SER C 311 -10.05 -13.01 22.30
N HIS C 312 -9.14 -12.29 21.65
CA HIS C 312 -9.52 -11.10 20.85
C HIS C 312 -10.28 -11.42 19.56
N VAL C 313 -10.32 -12.69 19.15
CA VAL C 313 -10.96 -13.06 17.86
C VAL C 313 -12.45 -13.25 18.08
N TYR C 314 -12.87 -13.41 19.33
CA TYR C 314 -14.32 -13.53 19.62
C TYR C 314 -14.76 -12.38 20.53
N ARG C 315 -13.86 -11.86 21.34
CA ARG C 315 -14.18 -10.75 22.26
C ARG C 315 -13.71 -9.42 21.67
N SER C 316 -13.58 -9.31 20.35
CA SER C 316 -13.22 -8.03 19.69
C SER C 316 -13.36 -8.22 18.18
N VAL C 317 -14.58 -8.43 17.70
CA VAL C 317 -14.79 -8.54 16.24
C VAL C 317 -15.22 -7.17 15.71
N LEU C 318 -14.72 -6.81 14.53
CA LEU C 318 -15.09 -5.52 13.92
C LEU C 318 -16.55 -5.59 13.49
N LEU C 319 -17.24 -4.45 13.51
CA LEU C 319 -18.70 -4.38 13.24
C LEU C 319 -18.99 -3.29 12.19
N LYS C 320 -18.55 -2.04 12.39
CA LYS C 320 -18.68 -0.93 11.38
C LYS C 320 -17.32 -0.20 11.21
N SER C 321 -17.01 0.21 9.96
CA SER C 321 -15.79 0.94 9.52
C SER C 321 -16.20 2.16 8.68
N GLU C 324 -14.89 3.35 15.41
CA GLU C 324 -15.47 2.10 14.84
C GLU C 324 -15.97 1.24 16.00
N GLU C 325 -17.20 0.74 15.91
CA GLU C 325 -17.76 -0.15 16.95
C GLU C 325 -17.17 -1.56 16.81
N ARG C 326 -16.40 -2.02 17.80
CA ARG C 326 -15.85 -3.42 17.79
C ARG C 326 -16.51 -4.15 18.96
N GLY C 327 -17.00 -5.37 18.74
CA GLY C 327 -17.76 -6.05 19.80
C GLY C 327 -17.44 -7.51 19.97
N ASP C 328 -18.32 -8.39 19.52
CA ASP C 328 -18.15 -9.83 19.83
C ASP C 328 -18.69 -10.69 18.71
N LEU C 329 -18.26 -11.95 18.64
CA LEU C 329 -18.66 -12.83 17.51
C LEU C 329 -20.14 -13.12 17.56
N ILE C 330 -20.79 -13.03 18.72
CA ILE C 330 -22.28 -13.23 18.77
C ILE C 330 -22.96 -11.95 18.23
N LYS C 331 -22.61 -10.77 18.76
CA LYS C 331 -23.10 -9.44 18.30
C LYS C 331 -22.84 -9.30 16.80
N PHE C 332 -21.62 -9.61 16.33
CA PHE C 332 -21.26 -9.60 14.90
C PHE C 332 -22.10 -10.67 14.16
N TYR C 333 -22.15 -11.92 14.63
CA TYR C 333 -22.98 -12.98 13.99
C TYR C 333 -24.37 -12.43 13.77
N ASN C 334 -24.97 -11.90 14.81
CA ASN C 334 -26.37 -11.43 14.72
C ASN C 334 -26.44 -10.14 13.91
N THR C 335 -25.60 -9.15 14.21
CA THR C 335 -25.66 -7.82 13.54
C THR C 335 -25.50 -7.99 12.02
N ILE C 336 -24.34 -8.46 11.55
CA ILE C 336 -24.07 -8.49 10.08
C ILE C 336 -24.21 -9.87 9.43
N TYR C 337 -23.67 -10.93 10.03
CA TYR C 337 -23.61 -12.25 9.33
C TYR C 337 -24.98 -12.80 8.96
N VAL C 338 -25.94 -12.87 9.89
CA VAL C 338 -27.25 -13.50 9.55
C VAL C 338 -27.80 -12.82 8.28
N GLY C 339 -27.85 -11.49 8.22
CA GLY C 339 -28.42 -10.77 7.06
C GLY C 339 -27.78 -11.08 5.72
N ARG C 340 -26.45 -11.22 5.66
CA ARG C 340 -25.72 -11.42 4.37
C ARG C 340 -25.60 -12.90 4.01
N VAL C 341 -26.04 -13.81 4.89
CA VAL C 341 -25.91 -15.28 4.65
C VAL C 341 -27.26 -15.99 4.84
N LYS C 342 -28.23 -15.40 5.55
CA LYS C 342 -29.51 -16.11 5.86
C LYS C 342 -30.07 -16.78 4.63
N SER C 343 -30.00 -16.11 3.49
CA SER C 343 -30.61 -16.62 2.25
C SER C 343 -29.60 -17.38 1.42
N PHE C 344 -29.06 -18.46 1.94
CA PHE C 344 -28.17 -19.41 1.20
C PHE C 344 -27.89 -20.46 2.24
N ALA C 345 -28.17 -20.05 3.46
CA ALA C 345 -28.08 -21.00 4.59
C ALA C 345 -29.45 -21.68 4.65
N LEU C 346 -30.54 -20.93 4.54
CA LEU C 346 -31.88 -21.53 4.68
C LEU C 346 -32.16 -22.45 3.48
N LYS C 347 -31.53 -22.21 2.34
CA LYS C 347 -31.67 -23.12 1.17
C LYS C 347 -31.48 -24.56 1.66
N TYR C 348 -30.73 -24.74 2.73
CA TYR C 348 -30.48 -26.07 3.35
C TYR C 348 -31.43 -26.26 4.55
N ASP C 349 -32.63 -26.82 4.27
CA ASP C 349 -33.64 -27.30 5.26
C ASP C 349 -34.14 -28.68 4.81
N PRO C 360 -29.76 -27.69 -3.28
CA PRO C 360 -28.56 -26.85 -3.39
C PRO C 360 -27.30 -27.70 -3.51
N PRO C 361 -26.30 -27.31 -4.34
CA PRO C 361 -25.14 -28.18 -4.63
C PRO C 361 -24.15 -28.00 -3.47
N LEU C 362 -23.02 -28.73 -3.45
CA LEU C 362 -21.99 -28.65 -2.37
C LEU C 362 -20.57 -28.51 -2.94
N SER C 363 -19.71 -27.76 -2.24
CA SER C 363 -18.26 -27.65 -2.50
C SER C 363 -17.56 -28.94 -2.07
N PRO C 364 -16.48 -29.37 -2.77
CA PRO C 364 -15.56 -30.38 -2.26
C PRO C 364 -14.45 -29.84 -1.32
N PHE C 365 -14.36 -30.45 -0.13
CA PHE C 365 -13.35 -30.23 0.94
C PHE C 365 -11.98 -30.70 0.42
N PRO C 366 -10.84 -30.04 0.71
CA PRO C 366 -9.53 -30.56 0.28
C PRO C 366 -8.99 -31.80 1.02
N HIS C 367 -7.78 -32.26 0.65
CA HIS C 367 -6.93 -33.32 1.29
C HIS C 367 -7.78 -34.54 1.68
N ASP D 1 -35.98 -17.63 11.68
CA ASP D 1 -35.39 -17.08 12.92
C ASP D 1 -34.09 -17.82 13.25
N ILE D 2 -32.96 -17.42 12.65
CA ILE D 2 -31.64 -18.08 12.87
C ILE D 2 -30.76 -17.21 13.77
N TYR D 3 -31.33 -16.28 14.51
CA TYR D 3 -30.53 -15.43 15.43
C TYR D 3 -30.06 -16.23 16.65
N CYS D 4 -29.01 -15.75 17.32
CA CYS D 4 -28.49 -16.42 18.54
C CYS D 4 -28.63 -15.46 19.71
N TYR D 5 -29.34 -15.87 20.75
CA TYR D 5 -29.58 -15.00 21.91
C TYR D 5 -28.72 -15.54 23.06
N GLU D 6 -27.45 -15.14 23.11
CA GLU D 6 -26.59 -15.79 24.11
C GLU D 6 -25.50 -14.83 24.58
N GLU D 7 -24.83 -15.18 25.68
CA GLU D 7 -23.73 -14.38 26.23
C GLU D 7 -22.47 -15.25 26.23
N PHE D 8 -21.42 -14.90 26.97
CA PHE D 8 -20.15 -15.67 26.92
C PHE D 8 -19.45 -15.57 28.29
N SER D 9 -18.24 -16.10 28.44
CA SER D 9 -17.50 -16.11 29.74
C SER D 9 -16.36 -15.10 29.87
N ASP D 10 -15.49 -15.28 30.87
CA ASP D 10 -14.42 -14.30 31.25
C ASP D 10 -14.97 -12.88 31.28
#